data_2JQ3
#
_entry.id   2JQ3
#
_entity_poly.entity_id   1
_entity_poly.type   'polypeptide(L)'
_entity_poly.pdbx_seq_one_letter_code
;SEAEDASLLSFMQGYMKHATKTAKDALSSVQESQVAQQARGWVTDGFSSLKDYWSTVKDKFSEFWDLDPEVRPTSAVAA
;
_entity_poly.pdbx_strand_id   A
#
# COMPACT_ATOMS: atom_id res chain seq x y z
N SER A 1 -3.79 -9.42 -39.50
CA SER A 1 -4.73 -10.52 -39.14
C SER A 1 -4.84 -10.62 -37.63
N GLU A 2 -6.08 -10.61 -37.12
CA GLU A 2 -6.31 -10.71 -35.68
C GLU A 2 -7.76 -11.08 -35.40
N ALA A 3 -7.96 -11.85 -34.34
CA ALA A 3 -9.29 -12.29 -33.97
C ALA A 3 -10.15 -11.10 -33.57
N GLU A 4 -11.09 -10.78 -34.43
CA GLU A 4 -11.99 -9.66 -34.20
C GLU A 4 -12.89 -9.94 -33.00
N ASP A 5 -12.98 -11.21 -32.62
CA ASP A 5 -13.81 -11.60 -31.48
C ASP A 5 -13.29 -10.93 -30.21
N ALA A 6 -11.99 -10.85 -30.07
CA ALA A 6 -11.39 -10.26 -28.89
C ALA A 6 -11.94 -8.86 -28.67
N SER A 7 -12.50 -8.67 -27.50
CA SER A 7 -13.09 -7.39 -27.14
C SER A 7 -11.99 -6.37 -26.86
N LEU A 8 -12.42 -5.14 -26.62
CA LEU A 8 -11.51 -4.04 -26.32
C LEU A 8 -10.59 -4.38 -25.15
N LEU A 9 -10.76 -5.56 -24.58
CA LEU A 9 -9.93 -6.00 -23.47
C LEU A 9 -8.60 -6.56 -23.99
N SER A 10 -8.51 -6.70 -25.31
CA SER A 10 -7.29 -7.24 -25.92
C SER A 10 -6.09 -6.35 -25.67
N PHE A 11 -6.12 -5.15 -26.22
CA PHE A 11 -5.01 -4.24 -26.06
C PHE A 11 -4.53 -4.23 -24.61
N MET A 12 -5.47 -4.08 -23.68
CA MET A 12 -5.12 -4.04 -22.27
C MET A 12 -4.50 -5.35 -21.81
N GLN A 13 -5.29 -6.42 -21.83
CA GLN A 13 -4.81 -7.74 -21.40
C GLN A 13 -3.33 -7.92 -21.74
N GLY A 14 -2.99 -7.71 -23.01
CA GLY A 14 -1.60 -7.86 -23.45
C GLY A 14 -0.72 -6.73 -22.89
N TYR A 15 -1.27 -5.54 -22.79
CA TYR A 15 -0.50 -4.40 -22.28
C TYR A 15 0.21 -4.78 -21.00
N MET A 16 -0.57 -5.06 -19.98
CA MET A 16 0.02 -5.42 -18.71
C MET A 16 0.94 -6.60 -18.91
N LYS A 17 0.62 -7.44 -19.88
CA LYS A 17 1.47 -8.59 -20.15
C LYS A 17 2.84 -8.11 -20.63
N HIS A 18 2.82 -7.19 -21.59
CA HIS A 18 4.06 -6.64 -22.16
C HIS A 18 4.74 -5.65 -21.22
N ALA A 19 3.97 -4.68 -20.69
CA ALA A 19 4.55 -3.66 -19.82
C ALA A 19 5.24 -4.28 -18.62
N THR A 20 4.87 -5.50 -18.32
CA THR A 20 5.49 -6.20 -17.20
C THR A 20 6.95 -6.47 -17.53
N LYS A 21 7.27 -6.42 -18.82
CA LYS A 21 8.65 -6.63 -19.27
C LYS A 21 9.55 -5.50 -18.80
N THR A 22 9.04 -4.28 -18.83
CA THR A 22 9.82 -3.11 -18.43
C THR A 22 10.30 -3.21 -16.98
N ALA A 23 9.71 -4.14 -16.23
CA ALA A 23 10.07 -4.35 -14.84
C ALA A 23 11.59 -4.43 -14.68
N LYS A 24 12.24 -5.29 -15.47
CA LYS A 24 13.68 -5.44 -15.41
C LYS A 24 14.38 -4.08 -15.50
N ASP A 25 14.37 -3.52 -16.71
CA ASP A 25 15.02 -2.24 -16.97
C ASP A 25 14.62 -1.26 -15.89
N ALA A 26 13.34 -1.28 -15.52
CA ALA A 26 12.86 -0.41 -14.46
C ALA A 26 13.47 -0.84 -13.12
N LEU A 27 13.55 -2.15 -12.90
CA LEU A 27 14.11 -2.67 -11.64
C LEU A 27 15.54 -2.21 -11.44
N SER A 28 16.33 -2.32 -12.48
CA SER A 28 17.72 -1.88 -12.40
C SER A 28 17.74 -0.41 -12.04
N SER A 29 16.68 0.28 -12.44
CA SER A 29 16.59 1.73 -12.15
C SER A 29 16.32 1.97 -10.66
N VAL A 30 16.25 0.91 -9.87
CA VAL A 30 15.96 1.04 -8.43
C VAL A 30 16.97 1.97 -7.72
N GLN A 31 17.91 2.52 -8.47
CA GLN A 31 18.93 3.43 -7.90
C GLN A 31 18.30 4.42 -6.93
N GLU A 32 16.99 4.51 -6.95
CA GLU A 32 16.29 5.39 -6.04
C GLU A 32 16.30 4.77 -4.64
N SER A 33 16.83 3.55 -4.57
CA SER A 33 16.92 2.85 -3.28
C SER A 33 17.79 3.65 -2.32
N GLN A 34 18.57 4.58 -2.86
CA GLN A 34 19.43 5.38 -2.02
C GLN A 34 18.61 6.07 -0.93
N VAL A 35 17.28 6.03 -1.09
CA VAL A 35 16.38 6.67 -0.11
C VAL A 35 16.77 6.30 1.32
N ALA A 36 17.72 5.38 1.48
CA ALA A 36 18.18 5.01 2.82
C ALA A 36 18.44 6.28 3.62
N GLN A 37 19.43 7.05 3.19
CA GLN A 37 19.78 8.28 3.90
C GLN A 37 18.51 9.00 4.36
N GLN A 38 17.47 8.98 3.52
CA GLN A 38 16.20 9.61 3.89
C GLN A 38 15.68 8.90 5.13
N ALA A 39 15.44 7.60 5.00
CA ALA A 39 14.96 6.82 6.13
C ALA A 39 15.84 7.15 7.33
N ARG A 40 17.14 6.97 7.16
CA ARG A 40 18.10 7.27 8.23
C ARG A 40 17.98 8.74 8.63
N GLY A 41 17.15 9.43 7.89
CA GLY A 41 16.86 10.83 8.16
C GLY A 41 15.85 10.92 9.31
N TRP A 42 14.67 10.34 9.08
CA TRP A 42 13.58 10.38 10.08
C TRP A 42 14.09 10.12 11.50
N VAL A 43 15.28 9.54 11.60
CA VAL A 43 15.87 9.26 12.91
C VAL A 43 16.05 10.57 13.69
N THR A 44 16.63 11.56 13.02
CA THR A 44 16.89 12.85 13.64
C THR A 44 15.57 13.47 14.09
N ASP A 45 14.56 13.32 13.26
CA ASP A 45 13.25 13.87 13.57
C ASP A 45 12.55 13.02 14.64
N GLY A 46 13.31 12.13 15.28
CA GLY A 46 12.74 11.29 16.33
C GLY A 46 11.68 10.35 15.75
N PHE A 47 12.07 9.58 14.74
CA PHE A 47 11.13 8.62 14.13
C PHE A 47 10.42 7.81 15.21
N SER A 48 11.04 7.72 16.38
CA SER A 48 10.48 6.94 17.48
C SER A 48 9.00 7.24 17.65
N SER A 49 8.58 8.43 17.25
CA SER A 49 7.18 8.81 17.40
C SER A 49 6.28 7.77 16.76
N LEU A 50 6.88 6.82 16.04
CA LEU A 50 6.10 5.75 15.42
C LEU A 50 5.83 4.67 16.47
N LYS A 51 6.78 4.49 17.39
CA LYS A 51 6.65 3.47 18.44
C LYS A 51 5.36 3.67 19.22
N ASP A 52 5.31 4.74 20.02
CA ASP A 52 4.12 5.03 20.82
C ASP A 52 2.87 4.79 19.98
N TYR A 53 2.79 5.46 18.84
CA TYR A 53 1.63 5.32 17.96
C TYR A 53 1.50 3.87 17.50
N TRP A 54 2.62 3.25 17.11
CA TRP A 54 2.59 1.87 16.66
C TRP A 54 2.22 0.94 17.81
N SER A 55 2.97 1.03 18.90
CA SER A 55 2.73 0.20 20.08
C SER A 55 1.26 0.27 20.48
N THR A 56 0.66 1.42 20.28
CA THR A 56 -0.76 1.59 20.60
C THR A 56 -1.62 0.90 19.55
N VAL A 57 -1.77 1.53 18.38
CA VAL A 57 -2.58 0.96 17.29
C VAL A 57 -2.45 -0.55 17.23
N LYS A 58 -1.24 -1.03 16.91
CA LYS A 58 -1.00 -2.46 16.83
C LYS A 58 -1.64 -3.18 18.02
N ASP A 59 -1.21 -2.82 19.22
CA ASP A 59 -1.75 -3.44 20.42
C ASP A 59 -3.25 -3.23 20.49
N LYS A 60 -3.69 -2.00 20.25
CA LYS A 60 -5.11 -1.68 20.31
C LYS A 60 -5.87 -2.38 19.19
N PHE A 61 -5.14 -2.98 18.29
CA PHE A 61 -5.78 -3.69 17.19
C PHE A 61 -6.57 -4.86 17.77
N SER A 62 -6.16 -5.31 18.95
CA SER A 62 -6.88 -6.41 19.62
C SER A 62 -8.26 -5.97 20.07
N GLU A 63 -8.30 -4.87 20.82
CA GLU A 63 -9.56 -4.34 21.35
C GLU A 63 -10.37 -3.63 20.28
N PHE A 64 -9.69 -3.01 19.32
CA PHE A 64 -10.38 -2.27 18.27
C PHE A 64 -11.34 -3.18 17.51
N TRP A 65 -11.31 -4.46 17.83
CA TRP A 65 -12.20 -5.41 17.17
C TRP A 65 -13.60 -5.33 17.79
N ASP A 66 -13.66 -5.41 19.12
CA ASP A 66 -14.93 -5.33 19.85
C ASP A 66 -15.26 -3.88 20.16
N LEU A 67 -16.34 -3.40 19.55
CA LEU A 67 -16.79 -2.04 19.74
C LEU A 67 -17.76 -1.99 20.92
N ASP A 68 -18.39 -0.84 21.12
CA ASP A 68 -19.31 -0.67 22.24
C ASP A 68 -20.41 -1.75 22.17
N PRO A 69 -21.15 -1.93 23.23
CA PRO A 69 -22.22 -2.98 23.29
C PRO A 69 -23.08 -2.96 22.03
N GLU A 70 -22.92 -1.92 21.22
CA GLU A 70 -23.66 -1.81 19.96
C GLU A 70 -22.70 -1.58 18.80
N VAL A 71 -22.54 -2.59 17.95
CA VAL A 71 -21.67 -2.48 16.79
C VAL A 71 -22.54 -2.15 15.57
N ARG A 72 -22.72 -0.85 15.31
CA ARG A 72 -23.53 -0.40 14.17
C ARG A 72 -22.74 0.59 13.30
N PRO A 73 -23.00 0.70 12.02
CA PRO A 73 -22.28 1.68 11.17
C PRO A 73 -22.79 3.10 11.45
N THR A 74 -23.96 3.20 12.07
CA THR A 74 -24.56 4.52 12.35
C THR A 74 -23.98 5.16 13.61
N SER A 75 -24.26 4.55 14.74
CA SER A 75 -23.79 5.09 16.01
C SER A 75 -22.28 5.19 16.02
N ALA A 76 -21.61 4.20 15.43
CA ALA A 76 -20.16 4.21 15.38
C ALA A 76 -19.67 5.52 14.76
N VAL A 77 -20.01 5.73 13.49
CA VAL A 77 -19.57 6.94 12.79
C VAL A 77 -20.10 8.19 13.50
N ALA A 78 -21.40 8.20 13.80
CA ALA A 78 -22.00 9.33 14.49
C ALA A 78 -21.48 9.41 15.93
N ALA A 79 -20.76 8.37 16.34
CA ALA A 79 -20.21 8.31 17.69
C ALA A 79 -19.39 7.05 17.88
N SER A 1 -7.68 -10.00 -41.06
CA SER A 1 -7.60 -11.46 -40.76
C SER A 1 -7.26 -11.65 -39.29
N GLU A 2 -8.27 -11.59 -38.43
CA GLU A 2 -8.07 -11.76 -36.99
C GLU A 2 -9.39 -12.04 -36.29
N ALA A 3 -9.31 -12.64 -35.11
CA ALA A 3 -10.50 -12.98 -34.35
C ALA A 3 -11.18 -11.71 -33.84
N GLU A 4 -12.31 -11.40 -34.44
CA GLU A 4 -13.06 -10.20 -34.05
C GLU A 4 -13.61 -10.35 -32.63
N ASP A 5 -13.52 -11.56 -32.09
CA ASP A 5 -14.00 -11.83 -30.75
C ASP A 5 -13.22 -11.01 -29.73
N ALA A 6 -11.92 -10.85 -29.98
CA ALA A 6 -11.08 -10.10 -29.06
C ALA A 6 -11.65 -8.72 -28.82
N SER A 7 -12.19 -8.54 -27.62
CA SER A 7 -12.78 -7.28 -27.23
C SER A 7 -11.70 -6.24 -26.97
N LEU A 8 -12.12 -5.03 -26.65
CA LEU A 8 -11.20 -3.93 -26.37
C LEU A 8 -10.27 -4.28 -25.21
N LEU A 9 -10.43 -5.48 -24.66
CA LEU A 9 -9.60 -5.94 -23.55
C LEU A 9 -8.27 -6.49 -24.07
N SER A 10 -8.17 -6.59 -25.40
CA SER A 10 -6.95 -7.11 -25.99
C SER A 10 -5.76 -6.23 -25.70
N PHE A 11 -5.77 -5.03 -26.24
CA PHE A 11 -4.64 -4.13 -26.05
C PHE A 11 -4.22 -4.12 -24.58
N MET A 12 -5.19 -3.96 -23.69
CA MET A 12 -4.89 -3.90 -22.26
C MET A 12 -4.25 -5.20 -21.79
N GLN A 13 -5.06 -6.26 -21.75
CA GLN A 13 -4.57 -7.57 -21.31
C GLN A 13 -3.10 -7.77 -21.70
N GLY A 14 -2.79 -7.54 -22.98
CA GLY A 14 -1.42 -7.68 -23.45
C GLY A 14 -0.54 -6.58 -22.89
N TYR A 15 -1.04 -5.36 -22.84
CA TYR A 15 -0.25 -4.24 -22.34
C TYR A 15 0.47 -4.62 -21.06
N MET A 16 -0.28 -4.93 -20.03
CA MET A 16 0.33 -5.30 -18.78
C MET A 16 1.30 -6.45 -19.01
N LYS A 17 0.99 -7.28 -20.00
CA LYS A 17 1.87 -8.41 -20.30
C LYS A 17 3.24 -7.92 -20.76
N HIS A 18 3.22 -6.94 -21.67
CA HIS A 18 4.46 -6.38 -22.20
C HIS A 18 5.09 -5.39 -21.22
N ALA A 19 4.29 -4.45 -20.72
CA ALA A 19 4.82 -3.45 -19.80
C ALA A 19 5.49 -4.10 -18.60
N THR A 20 5.11 -5.33 -18.34
CA THR A 20 5.71 -6.06 -17.22
C THR A 20 7.18 -6.34 -17.54
N LYS A 21 7.54 -6.24 -18.81
CA LYS A 21 8.91 -6.45 -19.23
C LYS A 21 9.82 -5.33 -18.74
N THR A 22 9.28 -4.11 -18.71
CA THR A 22 10.06 -2.95 -18.28
C THR A 22 10.54 -3.09 -16.84
N ALA A 23 9.96 -4.06 -16.12
CA ALA A 23 10.33 -4.29 -14.74
C ALA A 23 11.85 -4.36 -14.60
N LYS A 24 12.48 -5.21 -15.41
CA LYS A 24 13.93 -5.35 -15.35
C LYS A 24 14.61 -3.98 -15.43
N ASP A 25 14.63 -3.42 -16.63
CA ASP A 25 15.27 -2.14 -16.88
C ASP A 25 14.88 -1.18 -15.78
N ALA A 26 13.61 -1.23 -15.40
CA ALA A 26 13.13 -0.38 -14.32
C ALA A 26 13.76 -0.82 -13.01
N LEU A 27 13.89 -2.13 -12.82
CA LEU A 27 14.47 -2.66 -11.58
C LEU A 27 15.89 -2.16 -11.40
N SER A 28 16.66 -2.20 -12.46
CA SER A 28 18.04 -1.75 -12.40
C SER A 28 18.09 -0.28 -12.02
N SER A 29 16.98 0.41 -12.30
CA SER A 29 16.88 1.84 -11.99
C SER A 29 16.60 2.09 -10.50
N VAL A 30 16.49 1.01 -9.72
CA VAL A 30 16.21 1.15 -8.29
C VAL A 30 17.20 2.07 -7.58
N GLN A 31 18.14 2.64 -8.33
CA GLN A 31 19.14 3.54 -7.75
C GLN A 31 18.50 4.51 -6.76
N GLU A 32 17.18 4.62 -6.83
CA GLU A 32 16.47 5.48 -5.92
C GLU A 32 16.42 4.83 -4.54
N SER A 33 17.00 3.63 -4.44
CA SER A 33 17.02 2.91 -3.18
C SER A 33 17.79 3.71 -2.14
N GLN A 34 18.55 4.69 -2.63
CA GLN A 34 19.33 5.53 -1.72
C GLN A 34 18.45 6.05 -0.58
N VAL A 35 17.14 5.86 -0.70
CA VAL A 35 16.19 6.34 0.33
C VAL A 35 16.73 6.07 1.74
N ALA A 36 17.76 5.23 1.84
CA ALA A 36 18.37 4.94 3.12
C ALA A 36 18.65 6.25 3.85
N GLN A 37 19.59 7.03 3.31
CA GLN A 37 19.95 8.32 3.91
C GLN A 37 18.69 9.02 4.41
N GLN A 38 17.63 8.99 3.59
CA GLN A 38 16.37 9.61 3.98
C GLN A 38 15.86 8.92 5.24
N ALA A 39 15.59 7.62 5.12
CA ALA A 39 15.12 6.84 6.27
C ALA A 39 15.95 7.24 7.48
N ARG A 40 17.27 7.13 7.34
CA ARG A 40 18.19 7.49 8.42
C ARG A 40 17.99 8.94 8.86
N GLY A 41 17.11 9.61 8.14
CA GLY A 41 16.75 10.98 8.44
C GLY A 41 15.66 11.01 9.50
N TRP A 42 14.54 10.40 9.17
CA TRP A 42 13.37 10.39 10.07
C TRP A 42 13.79 10.16 11.51
N VAL A 43 14.99 9.64 11.68
CA VAL A 43 15.55 9.39 13.01
C VAL A 43 15.64 10.71 13.80
N THR A 44 16.23 11.71 13.16
CA THR A 44 16.41 13.01 13.80
C THR A 44 15.05 13.61 14.13
N ASP A 45 14.11 13.46 13.22
CA ASP A 45 12.78 13.99 13.44
C ASP A 45 12.05 13.15 14.48
N GLY A 46 12.80 12.36 15.25
CA GLY A 46 12.18 11.55 16.30
C GLY A 46 11.39 10.40 15.69
N PHE A 47 12.04 9.59 14.85
CA PHE A 47 11.37 8.45 14.24
C PHE A 47 10.62 7.63 15.30
N SER A 48 11.24 7.48 16.46
CA SER A 48 10.63 6.70 17.53
C SER A 48 9.15 7.06 17.69
N SER A 49 8.80 8.29 17.35
CA SER A 49 7.42 8.74 17.49
C SER A 49 6.47 7.71 16.90
N LEU A 50 7.01 6.79 16.11
CA LEU A 50 6.19 5.74 15.51
C LEU A 50 5.90 4.67 16.55
N LYS A 51 6.85 4.49 17.47
CA LYS A 51 6.70 3.48 18.51
C LYS A 51 5.43 3.75 19.32
N ASP A 52 5.13 5.03 19.51
CA ASP A 52 3.94 5.42 20.26
C ASP A 52 2.71 4.82 19.62
N TYR A 53 2.41 5.24 18.40
CA TYR A 53 1.24 4.75 17.70
C TYR A 53 1.30 3.23 17.56
N TRP A 54 2.44 2.71 17.14
CA TRP A 54 2.59 1.27 16.99
C TRP A 54 2.23 0.57 18.31
N SER A 55 2.95 0.91 19.36
CA SER A 55 2.69 0.29 20.65
C SER A 55 1.20 0.35 20.97
N THR A 56 0.58 1.49 20.68
CA THR A 56 -0.84 1.63 20.92
C THR A 56 -1.64 0.93 19.83
N VAL A 57 -1.70 1.57 18.65
CA VAL A 57 -2.44 1.02 17.52
C VAL A 57 -2.28 -0.49 17.44
N LYS A 58 -1.06 -0.94 17.15
CA LYS A 58 -0.78 -2.38 17.05
C LYS A 58 -1.50 -3.14 18.16
N ASP A 59 -1.12 -2.85 19.40
CA ASP A 59 -1.73 -3.52 20.54
C ASP A 59 -3.24 -3.29 20.55
N LYS A 60 -3.64 -2.05 20.30
CA LYS A 60 -5.06 -1.69 20.30
C LYS A 60 -5.79 -2.39 19.18
N PHE A 61 -5.05 -2.99 18.26
CA PHE A 61 -5.68 -3.69 17.17
C PHE A 61 -6.51 -4.85 17.71
N SER A 62 -6.19 -5.27 18.93
CA SER A 62 -6.93 -6.36 19.55
C SER A 62 -8.32 -5.90 20.01
N GLU A 63 -8.34 -4.80 20.78
CA GLU A 63 -9.58 -4.26 21.30
C GLU A 63 -10.37 -3.54 20.23
N PHE A 64 -9.67 -2.87 19.33
CA PHE A 64 -10.33 -2.12 18.27
C PHE A 64 -11.29 -3.02 17.50
N TRP A 65 -11.26 -4.32 17.80
CA TRP A 65 -12.15 -5.25 17.13
C TRP A 65 -13.56 -5.19 17.75
N ASP A 66 -13.61 -5.31 19.09
CA ASP A 66 -14.88 -5.25 19.82
C ASP A 66 -15.24 -3.82 20.15
N LEU A 67 -16.31 -3.34 19.53
CA LEU A 67 -16.80 -1.99 19.74
C LEU A 67 -17.82 -1.97 20.87
N ASP A 68 -18.45 -0.83 21.06
CA ASP A 68 -19.41 -0.67 22.15
C ASP A 68 -20.48 -1.76 22.05
N PRO A 69 -21.25 -1.94 23.10
CA PRO A 69 -22.30 -2.99 23.13
C PRO A 69 -23.16 -2.99 21.85
N GLU A 70 -22.99 -1.96 21.03
CA GLU A 70 -23.73 -1.89 19.77
C GLU A 70 -22.76 -1.66 18.62
N VAL A 71 -22.59 -2.70 17.80
CA VAL A 71 -21.71 -2.60 16.65
C VAL A 71 -22.53 -2.23 15.43
N ARG A 72 -22.68 -0.92 15.21
CA ARG A 72 -23.44 -0.44 14.05
C ARG A 72 -22.64 0.57 13.23
N PRO A 73 -22.89 0.70 11.94
CA PRO A 73 -22.17 1.70 11.09
C PRO A 73 -22.69 3.12 11.37
N THR A 74 -23.86 3.22 11.99
CA THR A 74 -24.46 4.52 12.27
C THR A 74 -23.89 5.16 13.52
N SER A 75 -24.18 4.55 14.65
CA SER A 75 -23.72 5.08 15.93
C SER A 75 -22.20 5.17 15.93
N ALA A 76 -21.54 4.18 15.35
CA ALA A 76 -20.08 4.20 15.31
C ALA A 76 -19.59 5.50 14.69
N VAL A 77 -19.94 5.72 13.43
CA VAL A 77 -19.49 6.92 12.73
C VAL A 77 -20.02 8.16 13.46
N ALA A 78 -21.31 8.18 13.75
CA ALA A 78 -21.91 9.30 14.45
C ALA A 78 -21.41 9.37 15.87
N ALA A 79 -20.66 8.35 16.28
CA ALA A 79 -20.12 8.29 17.63
C ALA A 79 -19.25 7.05 17.82
N SER A 1 -5.19 -11.44 -39.40
CA SER A 1 -4.12 -11.95 -38.49
C SER A 1 -4.41 -11.50 -37.06
N GLU A 2 -5.69 -11.37 -36.74
CA GLU A 2 -6.09 -10.93 -35.40
C GLU A 2 -7.57 -11.25 -35.16
N ALA A 3 -7.85 -11.98 -34.09
CA ALA A 3 -9.21 -12.34 -33.75
C ALA A 3 -10.03 -11.09 -33.43
N GLU A 4 -10.92 -10.75 -34.34
CA GLU A 4 -11.78 -9.59 -34.17
C GLU A 4 -12.75 -9.81 -33.01
N ASP A 5 -12.92 -11.05 -32.62
CA ASP A 5 -13.83 -11.39 -31.53
C ASP A 5 -13.36 -10.74 -30.23
N ALA A 6 -12.05 -10.67 -30.06
CA ALA A 6 -11.50 -10.09 -28.85
C ALA A 6 -12.04 -8.68 -28.65
N SER A 7 -12.61 -8.49 -27.48
CA SER A 7 -13.19 -7.21 -27.12
C SER A 7 -12.10 -6.17 -26.86
N LEU A 8 -12.53 -4.96 -26.57
CA LEU A 8 -11.62 -3.87 -26.29
C LEU A 8 -10.67 -4.21 -25.13
N LEU A 9 -10.82 -5.42 -24.58
CA LEU A 9 -9.98 -5.87 -23.48
C LEU A 9 -8.63 -6.36 -24.01
N SER A 10 -8.53 -6.47 -25.33
CA SER A 10 -7.28 -6.95 -25.95
C SER A 10 -6.14 -5.99 -25.72
N PHE A 11 -6.28 -4.77 -26.22
CA PHE A 11 -5.22 -3.79 -26.09
C PHE A 11 -4.61 -3.87 -24.70
N MET A 12 -5.45 -3.83 -23.68
CA MET A 12 -4.98 -3.88 -22.30
C MET A 12 -4.35 -5.24 -21.99
N GLN A 13 -5.05 -6.30 -22.39
CA GLN A 13 -4.58 -7.66 -22.15
C GLN A 13 -3.07 -7.76 -22.42
N GLY A 14 -2.69 -7.49 -23.66
CA GLY A 14 -1.29 -7.58 -24.05
C GLY A 14 -0.45 -6.49 -23.38
N TYR A 15 -1.05 -5.33 -23.16
CA TYR A 15 -0.33 -4.22 -22.53
C TYR A 15 0.33 -4.67 -21.24
N MET A 16 -0.48 -5.05 -20.29
CA MET A 16 0.05 -5.46 -19.01
C MET A 16 1.02 -6.61 -19.24
N LYS A 17 0.76 -7.43 -20.24
CA LYS A 17 1.66 -8.53 -20.53
C LYS A 17 3.03 -8.00 -20.96
N HIS A 18 3.01 -7.04 -21.89
CA HIS A 18 4.25 -6.45 -22.39
C HIS A 18 4.87 -5.49 -21.39
N ALA A 19 4.06 -4.58 -20.84
CA ALA A 19 4.59 -3.59 -19.91
C ALA A 19 5.23 -4.24 -18.70
N THR A 20 4.86 -5.46 -18.45
CA THR A 20 5.45 -6.20 -17.34
C THR A 20 6.91 -6.49 -17.64
N LYS A 21 7.27 -6.43 -18.92
CA LYS A 21 8.64 -6.66 -19.34
C LYS A 21 9.55 -5.52 -18.87
N THR A 22 9.03 -4.30 -18.92
CA THR A 22 9.81 -3.12 -18.52
C THR A 22 10.26 -3.21 -17.06
N ALA A 23 9.68 -4.14 -16.32
CA ALA A 23 10.03 -4.33 -14.93
C ALA A 23 11.54 -4.40 -14.76
N LYS A 24 12.18 -5.28 -15.53
CA LYS A 24 13.64 -5.43 -15.46
C LYS A 24 14.33 -4.07 -15.55
N ASP A 25 14.36 -3.54 -16.77
CA ASP A 25 15.02 -2.27 -17.03
C ASP A 25 14.61 -1.28 -15.95
N ALA A 26 13.34 -1.33 -15.57
CA ALA A 26 12.85 -0.47 -14.51
C ALA A 26 13.46 -0.88 -13.17
N LEU A 27 13.56 -2.20 -12.94
CA LEU A 27 14.13 -2.70 -11.67
C LEU A 27 15.56 -2.22 -11.50
N SER A 28 16.33 -2.32 -12.57
CA SER A 28 17.73 -1.89 -12.52
C SER A 28 17.77 -0.42 -12.15
N SER A 29 16.70 0.28 -12.49
CA SER A 29 16.61 1.71 -12.18
C SER A 29 16.34 1.96 -10.69
N VAL A 30 16.24 0.88 -9.90
CA VAL A 30 15.95 1.02 -8.46
C VAL A 30 16.97 1.93 -7.75
N GLN A 31 17.93 2.45 -8.50
CA GLN A 31 18.97 3.33 -7.92
C GLN A 31 18.36 4.31 -6.95
N GLU A 32 17.05 4.48 -7.01
CA GLU A 32 16.37 5.37 -6.11
C GLU A 32 16.32 4.74 -4.72
N SER A 33 16.80 3.50 -4.65
CA SER A 33 16.82 2.77 -3.38
C SER A 33 17.61 3.55 -2.36
N GLN A 34 18.44 4.47 -2.85
CA GLN A 34 19.26 5.28 -1.96
C GLN A 34 18.42 5.92 -0.85
N VAL A 35 17.10 5.84 -0.97
CA VAL A 35 16.20 6.42 0.04
C VAL A 35 16.68 6.11 1.46
N ALA A 36 17.65 5.21 1.59
CA ALA A 36 18.21 4.89 2.91
C ALA A 36 18.52 6.19 3.64
N GLN A 37 19.49 6.94 3.11
CA GLN A 37 19.88 8.20 3.74
C GLN A 37 18.63 8.93 4.24
N GLN A 38 17.55 8.88 3.45
CA GLN A 38 16.31 9.52 3.84
C GLN A 38 15.78 8.83 5.11
N ALA A 39 15.58 7.52 5.00
CA ALA A 39 15.10 6.75 6.15
C ALA A 39 15.90 7.15 7.38
N ARG A 40 17.23 7.03 7.27
CA ARG A 40 18.11 7.40 8.38
C ARG A 40 17.91 8.87 8.75
N GLY A 41 17.13 9.52 7.92
CA GLY A 41 16.79 10.92 8.14
C GLY A 41 15.73 11.02 9.23
N TRP A 42 14.58 10.42 8.95
CA TRP A 42 13.44 10.49 9.88
C TRP A 42 13.89 10.20 11.31
N VAL A 43 15.07 9.60 11.43
CA VAL A 43 15.62 9.28 12.74
C VAL A 43 15.63 10.50 13.65
N THR A 44 16.46 11.48 13.31
CA THR A 44 16.58 12.69 14.11
C THR A 44 15.21 13.34 14.27
N ASP A 45 14.39 13.24 13.25
CA ASP A 45 13.05 13.82 13.29
C ASP A 45 12.17 13.06 14.27
N GLY A 46 12.79 12.37 15.23
CA GLY A 46 12.03 11.62 16.22
C GLY A 46 11.26 10.47 15.57
N PHE A 47 11.97 9.65 14.81
CA PHE A 47 11.34 8.50 14.17
C PHE A 47 10.61 7.64 15.19
N SER A 48 11.25 7.44 16.35
CA SER A 48 10.68 6.63 17.40
C SER A 48 9.21 6.98 17.62
N SER A 49 8.83 8.21 17.28
CA SER A 49 7.45 8.63 17.49
C SER A 49 6.49 7.63 16.87
N LEU A 50 7.02 6.72 16.07
CA LEU A 50 6.20 5.68 15.47
C LEU A 50 5.92 4.59 16.50
N LYS A 51 6.87 4.39 17.41
CA LYS A 51 6.73 3.38 18.45
C LYS A 51 5.49 3.66 19.29
N ASP A 52 5.34 4.92 19.70
CA ASP A 52 4.20 5.30 20.50
C ASP A 52 2.92 4.94 19.76
N TYR A 53 2.73 5.56 18.59
CA TYR A 53 1.54 5.28 17.81
C TYR A 53 1.48 3.81 17.42
N TRP A 54 2.59 3.28 16.92
CA TRP A 54 2.63 1.87 16.53
C TRP A 54 2.28 0.99 17.73
N SER A 55 3.04 1.16 18.81
CA SER A 55 2.80 0.37 20.01
C SER A 55 1.32 0.43 20.40
N THR A 56 0.70 1.58 20.16
CA THR A 56 -0.72 1.74 20.47
C THR A 56 -1.59 0.97 19.47
N VAL A 57 -1.76 1.53 18.28
CA VAL A 57 -2.61 0.89 17.26
C VAL A 57 -2.39 -0.61 17.25
N LYS A 58 -1.16 -1.05 16.98
CA LYS A 58 -0.85 -2.47 16.97
C LYS A 58 -1.53 -3.20 18.12
N ASP A 59 -1.14 -2.86 19.33
CA ASP A 59 -1.72 -3.50 20.50
C ASP A 59 -3.22 -3.27 20.54
N LYS A 60 -3.64 -2.04 20.31
CA LYS A 60 -5.05 -1.69 20.34
C LYS A 60 -5.81 -2.37 19.21
N PHE A 61 -5.08 -2.95 18.28
CA PHE A 61 -5.72 -3.63 17.18
C PHE A 61 -6.48 -4.83 17.72
N SER A 62 -6.08 -5.29 18.90
CA SER A 62 -6.75 -6.42 19.54
C SER A 62 -8.15 -6.03 20.01
N GLU A 63 -8.21 -4.99 20.84
CA GLU A 63 -9.49 -4.53 21.39
C GLU A 63 -10.32 -3.80 20.36
N PHE A 64 -9.65 -3.14 19.42
CA PHE A 64 -10.35 -2.38 18.40
C PHE A 64 -11.29 -3.26 17.60
N TRP A 65 -11.29 -4.55 17.92
CA TRP A 65 -12.18 -5.48 17.23
C TRP A 65 -13.61 -5.35 17.76
N ASP A 66 -13.76 -5.42 19.08
CA ASP A 66 -15.07 -5.28 19.73
C ASP A 66 -15.40 -3.81 19.92
N LEU A 67 -16.69 -3.53 20.01
CA LEU A 67 -17.18 -2.16 20.19
C LEU A 67 -18.15 -2.10 21.36
N ASP A 68 -18.77 -0.95 21.54
CA ASP A 68 -19.70 -0.75 22.65
C ASP A 68 -20.82 -1.79 22.56
N PRO A 69 -21.61 -1.93 23.59
CA PRO A 69 -22.71 -2.95 23.61
C PRO A 69 -23.50 -2.93 22.30
N GLU A 70 -23.31 -1.88 21.49
CA GLU A 70 -24.00 -1.78 20.21
C GLU A 70 -22.99 -1.53 19.09
N VAL A 71 -22.78 -2.55 18.25
CA VAL A 71 -21.86 -2.43 17.13
C VAL A 71 -22.67 -2.11 15.87
N ARG A 72 -22.85 -0.81 15.60
CA ARG A 72 -23.60 -0.37 14.41
C ARG A 72 -22.80 0.63 13.58
N PRO A 73 -23.04 0.74 12.28
CA PRO A 73 -22.31 1.72 11.44
C PRO A 73 -22.83 3.15 11.72
N THR A 74 -24.01 3.25 12.32
CA THR A 74 -24.60 4.57 12.60
C THR A 74 -23.99 5.20 13.84
N SER A 75 -24.21 4.57 14.99
CA SER A 75 -23.71 5.11 16.24
C SER A 75 -22.19 5.24 16.19
N ALA A 76 -21.52 4.27 15.58
CA ALA A 76 -20.06 4.29 15.49
C ALA A 76 -19.57 5.59 14.85
N VAL A 77 -19.88 5.77 13.57
CA VAL A 77 -19.41 6.98 12.87
C VAL A 77 -19.96 8.23 13.55
N ALA A 78 -21.26 8.23 13.83
CA ALA A 78 -21.87 9.38 14.50
C ALA A 78 -21.39 9.46 15.94
N ALA A 79 -20.67 8.43 16.38
CA ALA A 79 -20.16 8.40 17.75
C ALA A 79 -19.34 7.14 17.98
N SER A 1 -1.07 -12.53 -33.53
CA SER A 1 -0.68 -12.14 -32.13
C SER A 1 -1.84 -12.43 -31.19
N GLU A 2 -3.02 -11.93 -31.54
CA GLU A 2 -4.21 -12.14 -30.70
C GLU A 2 -5.47 -11.83 -31.49
N ALA A 3 -6.54 -12.59 -31.21
CA ALA A 3 -7.79 -12.40 -31.90
C ALA A 3 -8.25 -10.96 -31.79
N GLU A 4 -8.15 -10.25 -32.90
CA GLU A 4 -8.54 -8.85 -32.94
C GLU A 4 -10.06 -8.73 -32.81
N ASP A 5 -10.76 -9.82 -33.09
CA ASP A 5 -12.22 -9.83 -33.00
C ASP A 5 -12.66 -9.66 -31.55
N ALA A 6 -11.72 -9.78 -30.63
CA ALA A 6 -12.02 -9.65 -29.22
C ALA A 6 -12.55 -8.26 -28.94
N SER A 7 -13.08 -8.10 -27.75
CA SER A 7 -13.65 -6.83 -27.34
C SER A 7 -12.54 -5.81 -27.08
N LEU A 8 -12.95 -4.59 -26.78
CA LEU A 8 -12.02 -3.51 -26.49
C LEU A 8 -11.07 -3.87 -25.35
N LEU A 9 -11.24 -5.07 -24.79
CA LEU A 9 -10.39 -5.55 -23.71
C LEU A 9 -9.07 -6.08 -24.26
N SER A 10 -8.98 -6.18 -25.58
CA SER A 10 -7.77 -6.72 -26.22
C SER A 10 -6.58 -5.82 -25.98
N PHE A 11 -6.63 -4.62 -26.52
CA PHE A 11 -5.51 -3.69 -26.38
C PHE A 11 -4.99 -3.72 -24.96
N MET A 12 -5.89 -3.61 -23.99
CA MET A 12 -5.49 -3.60 -22.59
C MET A 12 -4.88 -4.93 -22.20
N GLN A 13 -5.68 -5.99 -22.31
CA GLN A 13 -5.22 -7.33 -21.95
C GLN A 13 -3.75 -7.51 -22.31
N GLY A 14 -3.42 -7.27 -23.57
CA GLY A 14 -2.05 -7.40 -24.03
C GLY A 14 -1.14 -6.34 -23.41
N TYR A 15 -1.70 -5.16 -23.15
CA TYR A 15 -0.92 -4.07 -22.58
C TYR A 15 -0.22 -4.50 -21.31
N MET A 16 -1.01 -4.84 -20.32
CA MET A 16 -0.44 -5.25 -19.05
C MET A 16 0.51 -6.41 -19.28
N LYS A 17 0.20 -7.24 -20.26
CA LYS A 17 1.08 -8.36 -20.56
C LYS A 17 2.44 -7.87 -21.05
N HIS A 18 2.41 -6.90 -21.96
CA HIS A 18 3.64 -6.34 -22.52
C HIS A 18 4.31 -5.38 -21.56
N ALA A 19 3.55 -4.44 -21.02
CA ALA A 19 4.12 -3.43 -20.12
C ALA A 19 4.80 -4.09 -18.94
N THR A 20 4.43 -5.31 -18.66
CA THR A 20 5.04 -6.04 -17.57
C THR A 20 6.50 -6.31 -17.92
N LYS A 21 6.81 -6.22 -19.21
CA LYS A 21 8.18 -6.43 -19.67
C LYS A 21 9.10 -5.31 -19.17
N THR A 22 8.58 -4.09 -19.15
CA THR A 22 9.37 -2.93 -18.72
C THR A 22 9.87 -3.08 -17.28
N ALA A 23 9.30 -4.03 -16.57
CA ALA A 23 9.68 -4.27 -15.18
C ALA A 23 11.19 -4.37 -15.05
N LYS A 24 11.81 -5.21 -15.87
CA LYS A 24 13.27 -5.39 -15.84
C LYS A 24 13.96 -4.03 -15.92
N ASP A 25 13.96 -3.46 -17.13
CA ASP A 25 14.63 -2.19 -17.37
C ASP A 25 14.25 -1.21 -16.26
N ALA A 26 12.99 -1.25 -15.87
CA ALA A 26 12.53 -0.39 -14.79
C ALA A 26 13.17 -0.84 -13.47
N LEU A 27 13.25 -2.16 -13.27
CA LEU A 27 13.84 -2.69 -12.03
C LEU A 27 15.28 -2.24 -11.87
N SER A 28 16.03 -2.31 -12.96
CA SER A 28 17.42 -1.88 -12.93
C SER A 28 17.48 -0.41 -12.53
N SER A 29 16.40 0.29 -12.83
CA SER A 29 16.32 1.73 -12.51
C SER A 29 16.08 1.96 -11.01
N VAL A 30 15.96 0.88 -10.23
CA VAL A 30 15.71 1.02 -8.79
C VAL A 30 16.73 1.92 -8.08
N GLN A 31 17.67 2.47 -8.84
CA GLN A 31 18.70 3.34 -8.27
C GLN A 31 18.10 4.30 -7.26
N GLU A 32 16.79 4.46 -7.29
CA GLU A 32 16.12 5.33 -6.35
C GLU A 32 16.13 4.67 -4.98
N SER A 33 16.62 3.43 -4.94
CA SER A 33 16.68 2.70 -3.68
C SER A 33 17.56 3.44 -2.71
N GLN A 34 18.36 4.36 -3.24
CA GLN A 34 19.25 5.12 -2.38
C GLN A 34 18.45 5.83 -1.27
N VAL A 35 17.12 5.84 -1.41
CA VAL A 35 16.24 6.48 -0.43
C VAL A 35 16.64 6.10 1.01
N ALA A 36 17.58 5.17 1.14
CA ALA A 36 18.07 4.80 2.47
C ALA A 36 18.36 6.05 3.28
N GLN A 37 19.36 6.82 2.83
CA GLN A 37 19.74 8.05 3.53
C GLN A 37 18.49 8.78 4.02
N GLN A 38 17.43 8.78 3.20
CA GLN A 38 16.17 9.41 3.60
C GLN A 38 15.66 8.70 4.84
N ALA A 39 15.38 7.41 4.69
CA ALA A 39 14.92 6.63 5.84
C ALA A 39 15.82 6.94 7.03
N ARG A 40 17.13 6.76 6.83
CA ARG A 40 18.13 7.05 7.88
C ARG A 40 18.00 8.50 8.33
N GLY A 41 17.13 9.21 7.65
CA GLY A 41 16.82 10.59 7.98
C GLY A 41 15.86 10.62 9.17
N TRP A 42 14.69 10.01 8.96
CA TRP A 42 13.63 9.99 9.97
C TRP A 42 14.19 9.77 11.37
N VAL A 43 15.38 9.22 11.42
CA VAL A 43 16.05 8.99 12.71
C VAL A 43 16.28 10.31 13.44
N THR A 44 16.78 11.29 12.70
CA THR A 44 17.08 12.59 13.28
C THR A 44 15.81 13.20 13.82
N ASP A 45 14.72 13.06 13.08
CA ASP A 45 13.45 13.59 13.51
C ASP A 45 12.82 12.69 14.58
N GLY A 46 13.60 11.72 15.06
CA GLY A 46 13.09 10.83 16.10
C GLY A 46 11.94 9.99 15.57
N PHE A 47 12.15 9.28 14.46
CA PHE A 47 11.11 8.43 13.89
C PHE A 47 10.42 7.60 14.98
N SER A 48 11.07 7.50 16.14
CA SER A 48 10.52 6.72 17.24
C SER A 48 9.05 7.01 17.43
N SER A 49 8.64 8.22 17.08
CA SER A 49 7.24 8.61 17.23
C SER A 49 6.33 7.57 16.60
N LEU A 50 6.90 6.65 15.83
CA LEU A 50 6.10 5.59 15.21
C LEU A 50 5.83 4.49 16.24
N LYS A 51 6.79 4.28 17.13
CA LYS A 51 6.66 3.25 18.17
C LYS A 51 5.41 3.48 19.00
N ASP A 52 5.39 4.59 19.73
CA ASP A 52 4.24 4.91 20.57
C ASP A 52 2.96 4.66 19.79
N TYR A 53 2.82 5.34 18.66
CA TYR A 53 1.62 5.20 17.85
C TYR A 53 1.41 3.72 17.50
N TRP A 54 2.49 3.02 17.21
CA TRP A 54 2.39 1.60 16.88
C TRP A 54 2.02 0.81 18.12
N SER A 55 2.76 1.01 19.21
CA SER A 55 2.50 0.30 20.44
C SER A 55 1.01 0.36 20.77
N THR A 56 0.40 1.50 20.49
CA THR A 56 -1.03 1.65 20.71
C THR A 56 -1.82 0.94 19.62
N VAL A 57 -1.87 1.54 18.44
CA VAL A 57 -2.61 0.98 17.31
C VAL A 57 -2.43 -0.53 17.24
N LYS A 58 -1.21 -0.97 16.92
CA LYS A 58 -0.91 -2.39 16.82
C LYS A 58 -1.64 -3.18 17.91
N ASP A 59 -1.25 -2.91 19.15
CA ASP A 59 -1.87 -3.60 20.27
C ASP A 59 -3.38 -3.35 20.30
N LYS A 60 -3.77 -2.11 20.08
CA LYS A 60 -5.19 -1.74 20.11
C LYS A 60 -5.95 -2.39 18.98
N PHE A 61 -5.23 -2.98 18.05
CA PHE A 61 -5.87 -3.65 16.94
C PHE A 61 -6.67 -4.84 17.48
N SER A 62 -6.26 -5.31 18.66
CA SER A 62 -6.96 -6.43 19.28
C SER A 62 -8.33 -6.02 19.80
N GLU A 63 -8.37 -4.95 20.60
CA GLU A 63 -9.61 -4.46 21.16
C GLU A 63 -10.48 -3.79 20.11
N PHE A 64 -9.83 -3.20 19.12
CA PHE A 64 -10.57 -2.49 18.08
C PHE A 64 -11.56 -3.42 17.40
N TRP A 65 -11.50 -4.70 17.73
CA TRP A 65 -12.42 -5.66 17.15
C TRP A 65 -13.78 -5.61 17.85
N ASP A 66 -13.77 -5.71 19.18
CA ASP A 66 -14.99 -5.62 19.99
C ASP A 66 -15.31 -4.18 20.33
N LEU A 67 -16.39 -3.70 19.77
CA LEU A 67 -16.86 -2.33 20.00
C LEU A 67 -17.83 -2.32 21.17
N ASP A 68 -18.45 -1.18 21.39
CA ASP A 68 -19.38 -1.02 22.50
C ASP A 68 -20.48 -2.08 22.39
N PRO A 69 -21.22 -2.31 23.45
CA PRO A 69 -22.29 -3.36 23.48
C PRO A 69 -23.15 -3.31 22.21
N GLU A 70 -22.98 -2.27 21.42
CA GLU A 70 -23.73 -2.12 20.17
C GLU A 70 -22.78 -1.74 19.04
N VAL A 71 -22.66 -2.64 18.06
CA VAL A 71 -21.82 -2.38 16.90
C VAL A 71 -22.73 -1.99 15.72
N ARG A 72 -22.95 -0.68 15.54
CA ARG A 72 -23.78 -0.20 14.42
C ARG A 72 -22.99 0.83 13.59
N PRO A 73 -22.94 0.73 12.28
CA PRO A 73 -22.21 1.72 11.46
C PRO A 73 -22.77 3.14 11.66
N THR A 74 -23.97 3.23 12.23
CA THR A 74 -24.60 4.54 12.44
C THR A 74 -24.02 5.28 13.63
N SER A 75 -24.28 4.74 14.82
CA SER A 75 -23.80 5.39 16.02
C SER A 75 -22.28 5.47 16.01
N ALA A 76 -21.64 4.45 15.43
CA ALA A 76 -20.18 4.45 15.37
C ALA A 76 -19.68 5.74 14.75
N VAL A 77 -20.03 5.98 13.49
CA VAL A 77 -19.59 7.17 12.80
C VAL A 77 -20.11 8.41 13.53
N ALA A 78 -21.41 8.42 13.82
CA ALA A 78 -22.00 9.55 14.52
C ALA A 78 -21.47 9.62 15.95
N ALA A 79 -20.73 8.60 16.35
CA ALA A 79 -20.16 8.54 17.69
C ALA A 79 -19.28 7.30 17.87
N SER A 1 -4.17 -11.16 -38.40
CA SER A 1 -2.99 -11.30 -37.50
C SER A 1 -3.43 -11.15 -36.05
N GLU A 2 -4.73 -11.00 -35.84
CA GLU A 2 -5.27 -10.85 -34.49
C GLU A 2 -6.78 -11.11 -34.49
N ALA A 3 -7.22 -11.91 -33.52
CA ALA A 3 -8.63 -12.23 -33.42
C ALA A 3 -9.46 -10.98 -33.19
N GLU A 4 -10.17 -10.58 -34.22
CA GLU A 4 -11.01 -9.39 -34.15
C GLU A 4 -12.19 -9.62 -33.20
N ASP A 5 -12.47 -10.89 -32.90
CA ASP A 5 -13.57 -11.25 -32.01
C ASP A 5 -13.32 -10.70 -30.61
N ALA A 6 -12.05 -10.66 -30.22
CA ALA A 6 -11.69 -10.20 -28.90
C ALA A 6 -12.23 -8.80 -28.68
N SER A 7 -12.76 -8.60 -27.49
CA SER A 7 -13.33 -7.31 -27.12
C SER A 7 -12.24 -6.29 -26.85
N LEU A 8 -12.66 -5.08 -26.57
CA LEU A 8 -11.74 -3.97 -26.29
C LEU A 8 -10.80 -4.33 -25.13
N LEU A 9 -10.95 -5.52 -24.57
CA LEU A 9 -10.10 -5.97 -23.48
C LEU A 9 -8.76 -6.45 -24.01
N SER A 10 -8.65 -6.54 -25.33
CA SER A 10 -7.41 -7.02 -25.97
C SER A 10 -6.25 -6.10 -25.69
N PHE A 11 -6.33 -4.89 -26.22
CA PHE A 11 -5.24 -3.94 -26.05
C PHE A 11 -4.74 -3.96 -24.61
N MET A 12 -5.67 -3.87 -23.67
CA MET A 12 -5.30 -3.85 -22.26
C MET A 12 -4.69 -5.18 -21.85
N GLN A 13 -5.45 -6.26 -22.02
CA GLN A 13 -4.97 -7.60 -21.67
C GLN A 13 -3.48 -7.74 -21.98
N GLY A 14 -3.11 -7.51 -23.24
CA GLY A 14 -1.73 -7.62 -23.65
C GLY A 14 -0.86 -6.51 -23.05
N TYR A 15 -1.41 -5.31 -22.98
CA TYR A 15 -0.65 -4.18 -22.44
C TYR A 15 0.04 -4.57 -21.16
N MET A 16 -0.73 -4.91 -20.15
CA MET A 16 -0.14 -5.30 -18.89
C MET A 16 0.82 -6.44 -19.13
N LYS A 17 0.51 -7.28 -20.11
CA LYS A 17 1.40 -8.40 -20.42
C LYS A 17 2.75 -7.88 -20.90
N HIS A 18 2.70 -6.92 -21.82
CA HIS A 18 3.93 -6.34 -22.37
C HIS A 18 4.58 -5.39 -21.40
N ALA A 19 3.80 -4.46 -20.82
CA ALA A 19 4.37 -3.48 -19.91
C ALA A 19 5.03 -4.15 -18.72
N THR A 20 4.66 -5.40 -18.49
CA THR A 20 5.25 -6.15 -17.39
C THR A 20 6.73 -6.42 -17.69
N LYS A 21 7.11 -6.36 -18.97
CA LYS A 21 8.50 -6.57 -19.35
C LYS A 21 9.38 -5.43 -18.85
N THR A 22 8.86 -4.21 -18.90
CA THR A 22 9.64 -3.04 -18.46
C THR A 22 10.12 -3.19 -17.02
N ALA A 23 9.56 -4.15 -16.30
CA ALA A 23 9.94 -4.38 -14.92
C ALA A 23 11.45 -4.47 -14.78
N LYS A 24 12.08 -5.34 -15.57
CA LYS A 24 13.52 -5.49 -15.52
C LYS A 24 14.22 -4.13 -15.61
N ASP A 25 14.23 -3.58 -16.81
CA ASP A 25 14.89 -2.31 -17.08
C ASP A 25 14.50 -1.31 -16.00
N ALA A 26 13.23 -1.35 -15.61
CA ALA A 26 12.75 -0.48 -14.56
C ALA A 26 13.37 -0.90 -13.21
N LEU A 27 13.45 -2.22 -12.97
CA LEU A 27 14.03 -2.72 -11.71
C LEU A 27 15.46 -2.24 -11.53
N SER A 28 16.24 -2.36 -12.58
CA SER A 28 17.64 -1.92 -12.53
C SER A 28 17.68 -0.45 -12.17
N SER A 29 16.60 0.25 -12.54
CA SER A 29 16.51 1.69 -12.23
C SER A 29 16.23 1.93 -10.74
N VAL A 30 16.15 0.86 -9.95
CA VAL A 30 15.86 1.00 -8.52
C VAL A 30 16.90 1.88 -7.79
N GLN A 31 17.87 2.40 -8.53
CA GLN A 31 18.92 3.25 -7.95
C GLN A 31 18.33 4.26 -6.98
N GLU A 32 17.02 4.41 -7.01
CA GLU A 32 16.36 5.31 -6.10
C GLU A 32 16.36 4.68 -4.70
N SER A 33 16.86 3.43 -4.63
CA SER A 33 16.93 2.73 -3.35
C SER A 33 17.62 3.60 -2.33
N GLN A 34 18.30 4.63 -2.81
CA GLN A 34 19.00 5.53 -1.90
C GLN A 34 18.11 5.93 -0.72
N VAL A 35 16.81 5.62 -0.82
CA VAL A 35 15.85 5.95 0.25
C VAL A 35 16.47 5.76 1.63
N ALA A 36 17.53 4.98 1.71
CA ALA A 36 18.22 4.77 2.98
C ALA A 36 18.54 6.12 3.63
N GLN A 37 19.41 6.89 2.97
CA GLN A 37 19.79 8.20 3.51
C GLN A 37 18.55 8.91 4.05
N GLN A 38 17.46 8.88 3.28
CA GLN A 38 16.22 9.52 3.72
C GLN A 38 15.72 8.84 4.97
N ALA A 39 15.49 7.53 4.88
CA ALA A 39 15.00 6.77 6.03
C ALA A 39 15.82 7.18 7.25
N ARG A 40 17.14 7.07 7.15
CA ARG A 40 18.03 7.44 8.26
C ARG A 40 17.82 8.89 8.64
N GLY A 41 17.02 9.55 7.83
CA GLY A 41 16.68 10.94 8.07
C GLY A 41 15.62 11.00 9.16
N TRP A 42 14.48 10.40 8.87
CA TRP A 42 13.34 10.41 9.80
C TRP A 42 13.80 10.06 11.21
N VAL A 43 14.94 9.40 11.31
CA VAL A 43 15.50 9.02 12.60
C VAL A 43 15.75 10.26 13.46
N THR A 44 16.51 11.20 12.91
CA THR A 44 16.86 12.41 13.63
C THR A 44 15.58 13.12 14.04
N ASP A 45 14.59 13.07 13.18
CA ASP A 45 13.31 13.69 13.46
C ASP A 45 12.54 12.88 14.51
N GLY A 46 13.26 12.08 15.30
CA GLY A 46 12.61 11.28 16.34
C GLY A 46 11.64 10.27 15.73
N PHE A 47 12.13 9.47 14.77
CA PHE A 47 11.28 8.47 14.15
C PHE A 47 10.58 7.62 15.21
N SER A 48 11.17 7.56 16.40
CA SER A 48 10.59 6.75 17.48
C SER A 48 9.12 7.07 17.63
N SER A 49 8.71 8.28 17.27
CA SER A 49 7.32 8.68 17.42
C SER A 49 6.39 7.66 16.80
N LEU A 50 6.95 6.75 16.00
CA LEU A 50 6.14 5.69 15.40
C LEU A 50 5.88 4.60 16.44
N LYS A 51 6.83 4.42 17.35
CA LYS A 51 6.70 3.42 18.41
C LYS A 51 5.45 3.70 19.23
N ASP A 52 5.28 4.96 19.61
CA ASP A 52 4.10 5.35 20.38
C ASP A 52 2.85 4.98 19.61
N TYR A 53 2.67 5.59 18.45
CA TYR A 53 1.49 5.30 17.65
C TYR A 53 1.44 3.83 17.27
N TRP A 54 2.58 3.27 16.86
CA TRP A 54 2.62 1.86 16.48
C TRP A 54 2.29 0.98 17.69
N SER A 55 3.05 1.17 18.76
CA SER A 55 2.84 0.39 19.98
C SER A 55 1.37 0.42 20.38
N THR A 56 0.72 1.56 20.15
CA THR A 56 -0.70 1.70 20.49
C THR A 56 -1.58 0.96 19.48
N VAL A 57 -1.76 1.56 18.29
CA VAL A 57 -2.61 0.96 17.25
C VAL A 57 -2.42 -0.56 17.21
N LYS A 58 -1.20 -1.01 16.94
CA LYS A 58 -0.92 -2.45 16.89
C LYS A 58 -1.57 -3.16 18.06
N ASP A 59 -1.17 -2.81 19.27
CA ASP A 59 -1.72 -3.44 20.45
C ASP A 59 -3.22 -3.23 20.52
N LYS A 60 -3.66 -2.00 20.27
CA LYS A 60 -5.07 -1.68 20.31
C LYS A 60 -5.83 -2.36 19.20
N PHE A 61 -5.10 -2.97 18.27
CA PHE A 61 -5.74 -3.67 17.18
C PHE A 61 -6.52 -4.85 17.75
N SER A 62 -6.11 -5.30 18.94
CA SER A 62 -6.81 -6.42 19.58
C SER A 62 -8.19 -5.99 20.07
N GLU A 63 -8.22 -4.92 20.86
CA GLU A 63 -9.48 -4.43 21.42
C GLU A 63 -10.32 -3.72 20.37
N PHE A 64 -9.67 -3.10 19.40
CA PHE A 64 -10.38 -2.35 18.37
C PHE A 64 -11.35 -3.27 17.64
N TRP A 65 -11.33 -4.55 17.97
CA TRP A 65 -12.23 -5.50 17.35
C TRP A 65 -13.63 -5.40 17.97
N ASP A 66 -13.68 -5.47 19.30
CA ASP A 66 -14.95 -5.37 20.04
C ASP A 66 -15.27 -3.91 20.34
N LEU A 67 -16.35 -3.44 19.74
CA LEU A 67 -16.82 -2.08 19.91
C LEU A 67 -17.81 -2.03 21.07
N ASP A 68 -18.43 -0.87 21.25
CA ASP A 68 -19.37 -0.69 22.34
C ASP A 68 -20.47 -1.75 22.26
N PRO A 69 -21.24 -1.91 23.31
CA PRO A 69 -22.32 -2.96 23.36
C PRO A 69 -23.16 -2.94 22.08
N GLU A 70 -23.00 -1.90 21.27
CA GLU A 70 -23.73 -1.79 20.01
C GLU A 70 -22.75 -1.55 18.87
N VAL A 71 -22.56 -2.57 18.03
CA VAL A 71 -21.67 -2.44 16.88
C VAL A 71 -22.51 -2.11 15.65
N ARG A 72 -22.69 -0.81 15.40
CA ARG A 72 -23.46 -0.37 14.23
C ARG A 72 -22.66 0.64 13.39
N PRO A 73 -22.94 0.75 12.10
CA PRO A 73 -22.22 1.74 11.25
C PRO A 73 -22.71 3.16 11.52
N THR A 74 -23.89 3.27 12.14
CA THR A 74 -24.50 4.58 12.42
C THR A 74 -23.93 5.20 13.68
N SER A 75 -24.21 4.59 14.81
CA SER A 75 -23.76 5.11 16.08
C SER A 75 -22.25 5.23 16.10
N ALA A 76 -21.58 4.25 15.51
CA ALA A 76 -20.12 4.27 15.46
C ALA A 76 -19.63 5.57 14.84
N VAL A 77 -19.98 5.79 13.57
CA VAL A 77 -19.54 6.99 12.88
C VAL A 77 -20.06 8.23 13.59
N ALA A 78 -21.35 8.23 13.89
CA ALA A 78 -21.95 9.37 14.59
C ALA A 78 -21.43 9.44 16.02
N ALA A 79 -20.70 8.40 16.44
CA ALA A 79 -20.15 8.35 17.78
C ALA A 79 -19.31 7.11 17.98
N SER A 1 -6.59 -14.04 -39.93
CA SER A 1 -6.00 -12.68 -39.91
C SER A 1 -6.03 -12.14 -38.48
N GLU A 2 -7.24 -11.99 -37.94
CA GLU A 2 -7.40 -11.48 -36.58
C GLU A 2 -8.80 -11.77 -36.05
N ALA A 3 -8.86 -12.41 -34.89
CA ALA A 3 -10.13 -12.76 -34.28
C ALA A 3 -10.86 -11.49 -33.83
N GLU A 4 -11.91 -11.16 -34.54
CA GLU A 4 -12.70 -9.96 -34.22
C GLU A 4 -13.39 -10.13 -32.86
N ASP A 5 -13.41 -11.37 -32.35
CA ASP A 5 -14.03 -11.65 -31.07
C ASP A 5 -13.33 -10.89 -29.95
N ALA A 6 -12.01 -10.76 -30.07
CA ALA A 6 -11.23 -10.08 -29.06
C ALA A 6 -11.80 -8.70 -28.80
N SER A 7 -12.35 -8.53 -27.62
CA SER A 7 -12.94 -7.26 -27.23
C SER A 7 -11.86 -6.22 -26.96
N LEU A 8 -12.28 -5.02 -26.63
CA LEU A 8 -11.35 -3.92 -26.35
C LEU A 8 -10.42 -4.26 -25.20
N LEU A 9 -10.58 -5.46 -24.64
CA LEU A 9 -9.74 -5.91 -23.54
C LEU A 9 -8.41 -6.46 -24.07
N SER A 10 -8.30 -6.56 -25.38
CA SER A 10 -7.09 -7.09 -25.99
C SER A 10 -5.90 -6.19 -25.71
N PHE A 11 -5.93 -4.97 -26.24
CA PHE A 11 -4.82 -4.06 -26.05
C PHE A 11 -4.38 -4.07 -24.60
N MET A 12 -5.34 -3.94 -23.68
CA MET A 12 -5.01 -3.90 -22.26
C MET A 12 -4.37 -5.21 -21.81
N GLN A 13 -5.15 -6.28 -21.81
CA GLN A 13 -4.65 -7.59 -21.39
C GLN A 13 -3.18 -7.76 -21.77
N GLY A 14 -2.87 -7.54 -23.05
CA GLY A 14 -1.49 -7.66 -23.51
C GLY A 14 -0.61 -6.55 -22.94
N TYR A 15 -1.16 -5.34 -22.84
CA TYR A 15 -0.38 -4.21 -22.32
C TYR A 15 0.36 -4.61 -21.06
N MET A 16 -0.38 -4.93 -20.03
CA MET A 16 0.24 -5.30 -18.78
C MET A 16 1.20 -6.45 -19.02
N LYS A 17 0.89 -7.29 -20.00
CA LYS A 17 1.77 -8.41 -20.31
C LYS A 17 3.12 -7.92 -20.78
N HIS A 18 3.09 -6.96 -21.71
CA HIS A 18 4.31 -6.40 -22.28
C HIS A 18 4.97 -5.41 -21.31
N ALA A 19 4.19 -4.47 -20.80
CA ALA A 19 4.73 -3.46 -19.90
C ALA A 19 5.43 -4.10 -18.71
N THR A 20 5.07 -5.33 -18.43
CA THR A 20 5.69 -6.05 -17.33
C THR A 20 7.16 -6.29 -17.65
N LYS A 21 7.50 -6.20 -18.94
CA LYS A 21 8.88 -6.38 -19.37
C LYS A 21 9.77 -5.25 -18.85
N THR A 22 9.24 -4.04 -18.86
CA THR A 22 10.01 -2.87 -18.41
C THR A 22 10.45 -3.03 -16.95
N ALA A 23 9.86 -3.99 -16.26
CA ALA A 23 10.21 -4.23 -14.87
C ALA A 23 11.72 -4.32 -14.71
N LYS A 24 12.36 -5.17 -15.51
CA LYS A 24 13.81 -5.32 -15.43
C LYS A 24 14.48 -3.94 -15.52
N ASP A 25 14.50 -3.39 -16.72
CA ASP A 25 15.14 -2.10 -16.96
C ASP A 25 14.74 -1.13 -15.85
N ALA A 26 13.47 -1.19 -15.47
CA ALA A 26 12.99 -0.35 -14.40
C ALA A 26 13.63 -0.79 -13.08
N LEU A 27 13.74 -2.10 -12.88
CA LEU A 27 14.33 -2.63 -11.65
C LEU A 27 15.75 -2.14 -11.46
N SER A 28 16.52 -2.19 -12.53
CA SER A 28 17.90 -1.74 -12.46
C SER A 28 17.93 -0.27 -12.07
N SER A 29 16.85 0.44 -12.40
CA SER A 29 16.75 1.87 -12.09
C SER A 29 16.48 2.11 -10.60
N VAL A 30 16.36 1.04 -9.82
CA VAL A 30 16.08 1.17 -8.38
C VAL A 30 17.08 2.07 -7.67
N GLN A 31 18.02 2.65 -8.42
CA GLN A 31 19.03 3.53 -7.84
C GLN A 31 18.41 4.51 -6.85
N GLU A 32 17.09 4.61 -6.89
CA GLU A 32 16.40 5.48 -5.97
C GLU A 32 16.39 4.83 -4.59
N SER A 33 16.90 3.59 -4.53
CA SER A 33 16.96 2.86 -3.26
C SER A 33 17.70 3.69 -2.23
N GLN A 34 18.36 4.74 -2.69
CA GLN A 34 19.10 5.60 -1.78
C GLN A 34 18.23 6.02 -0.60
N VAL A 35 16.92 5.76 -0.69
CA VAL A 35 15.98 6.13 0.38
C VAL A 35 16.61 5.93 1.77
N ALA A 36 17.68 5.16 1.85
CA ALA A 36 18.38 4.94 3.10
C ALA A 36 18.66 6.28 3.77
N GLN A 37 19.54 7.07 3.16
CA GLN A 37 19.90 8.38 3.72
C GLN A 37 18.65 9.07 4.24
N GLN A 38 17.58 9.03 3.46
CA GLN A 38 16.32 9.64 3.88
C GLN A 38 15.82 8.95 5.15
N ALA A 39 15.55 7.66 5.03
CA ALA A 39 15.07 6.89 6.18
C ALA A 39 15.90 7.28 7.41
N ARG A 40 17.22 7.17 7.28
CA ARG A 40 18.14 7.51 8.38
C ARG A 40 17.94 8.97 8.79
N GLY A 41 17.14 9.64 8.00
CA GLY A 41 16.81 11.04 8.26
C GLY A 41 15.77 11.11 9.38
N TRP A 42 14.61 10.53 9.11
CA TRP A 42 13.50 10.58 10.07
C TRP A 42 13.99 10.20 11.46
N VAL A 43 15.13 9.52 11.50
CA VAL A 43 15.72 9.11 12.77
C VAL A 43 15.90 10.31 13.71
N THR A 44 16.81 11.21 13.35
CA THR A 44 17.08 12.38 14.18
C THR A 44 15.77 13.07 14.55
N ASP A 45 14.81 13.01 13.65
CA ASP A 45 13.52 13.64 13.90
C ASP A 45 12.72 12.82 14.92
N GLY A 46 13.44 12.03 15.73
CA GLY A 46 12.78 11.21 16.75
C GLY A 46 11.78 10.26 16.10
N PHE A 47 12.24 9.50 15.11
CA PHE A 47 11.37 8.53 14.45
C PHE A 47 10.61 7.69 15.47
N SER A 48 11.15 7.60 16.68
CA SER A 48 10.51 6.81 17.72
C SER A 48 9.04 7.14 17.82
N SER A 49 8.67 8.35 17.43
CA SER A 49 7.28 8.76 17.50
C SER A 49 6.37 7.72 16.87
N LEU A 50 6.94 6.81 16.09
CA LEU A 50 6.16 5.74 15.49
C LEU A 50 5.89 4.65 16.52
N LYS A 51 6.83 4.49 17.45
CA LYS A 51 6.69 3.49 18.50
C LYS A 51 5.43 3.75 19.31
N ASP A 52 5.22 5.01 19.68
CA ASP A 52 4.04 5.38 20.45
C ASP A 52 2.78 5.02 19.66
N TYR A 53 2.63 5.63 18.49
CA TYR A 53 1.46 5.38 17.66
C TYR A 53 1.36 3.91 17.31
N TRP A 54 2.50 3.30 16.95
CA TRP A 54 2.51 1.89 16.61
C TRP A 54 2.18 1.05 17.84
N SER A 55 2.94 1.25 18.91
CA SER A 55 2.73 0.50 20.14
C SER A 55 1.26 0.50 20.52
N THR A 56 0.59 1.63 20.25
CA THR A 56 -0.84 1.73 20.56
C THR A 56 -1.67 0.97 19.53
N VAL A 57 -1.82 1.56 18.34
CA VAL A 57 -2.61 0.94 17.27
C VAL A 57 -2.40 -0.56 17.25
N LYS A 58 -1.18 -0.99 16.93
CA LYS A 58 -0.86 -2.41 16.88
C LYS A 58 -1.54 -3.15 18.03
N ASP A 59 -1.14 -2.82 19.25
CA ASP A 59 -1.70 -3.49 20.41
C ASP A 59 -3.21 -3.26 20.47
N LYS A 60 -3.64 -2.02 20.25
CA LYS A 60 -5.05 -1.69 20.29
C LYS A 60 -5.79 -2.38 19.16
N PHE A 61 -5.06 -2.98 18.25
CA PHE A 61 -5.68 -3.68 17.15
C PHE A 61 -6.51 -4.84 17.70
N SER A 62 -6.18 -5.26 18.92
CA SER A 62 -6.93 -6.34 19.56
C SER A 62 -8.34 -5.88 19.96
N GLU A 63 -8.38 -4.81 20.75
CA GLU A 63 -9.66 -4.28 21.23
C GLU A 63 -10.42 -3.59 20.12
N PHE A 64 -9.70 -2.94 19.21
CA PHE A 64 -10.33 -2.21 18.13
C PHE A 64 -11.29 -3.13 17.36
N TRP A 65 -11.26 -4.42 17.67
CA TRP A 65 -12.14 -5.37 17.01
C TRP A 65 -13.56 -5.27 17.59
N ASP A 66 -13.65 -5.37 18.92
CA ASP A 66 -14.94 -5.28 19.62
C ASP A 66 -15.28 -3.82 19.89
N LEU A 67 -16.56 -3.53 19.93
CA LEU A 67 -17.06 -2.17 20.16
C LEU A 67 -18.09 -2.17 21.29
N ASP A 68 -18.73 -1.03 21.49
CA ASP A 68 -19.71 -0.90 22.55
C ASP A 68 -20.80 -1.95 22.36
N PRO A 69 -21.60 -2.18 23.37
CA PRO A 69 -22.68 -3.21 23.31
C PRO A 69 -23.46 -3.13 22.00
N GLU A 70 -23.26 -2.06 21.24
CA GLU A 70 -23.95 -1.90 19.95
C GLU A 70 -22.92 -1.61 18.85
N VAL A 71 -22.72 -2.60 17.98
CA VAL A 71 -21.81 -2.43 16.86
C VAL A 71 -22.61 -2.07 15.62
N ARG A 72 -22.81 -0.77 15.39
CA ARG A 72 -23.56 -0.30 14.23
C ARG A 72 -22.75 0.73 13.42
N PRO A 73 -22.75 0.65 12.11
CA PRO A 73 -22.00 1.64 11.28
C PRO A 73 -22.52 3.05 11.51
N THR A 74 -23.76 3.16 12.01
CA THR A 74 -24.37 4.47 12.25
C THR A 74 -23.86 5.11 13.52
N SER A 75 -24.18 4.50 14.64
CA SER A 75 -23.76 5.03 15.91
C SER A 75 -22.24 5.15 15.96
N ALA A 76 -21.56 4.17 15.38
CA ALA A 76 -20.10 4.19 15.35
C ALA A 76 -19.60 5.49 14.74
N VAL A 77 -19.93 5.70 13.47
CA VAL A 77 -19.47 6.90 12.77
C VAL A 77 -19.98 8.14 13.48
N ALA A 78 -21.26 8.14 13.83
CA ALA A 78 -21.85 9.28 14.52
C ALA A 78 -21.16 9.49 15.87
N ALA A 79 -20.91 8.39 16.59
CA ALA A 79 -20.27 8.47 17.89
C ALA A 79 -20.09 7.07 18.48
N SER A 1 -8.96 -13.29 -41.20
CA SER A 1 -7.72 -13.76 -40.52
C SER A 1 -7.53 -12.99 -39.22
N GLU A 2 -8.63 -12.79 -38.50
CA GLU A 2 -8.58 -12.07 -37.23
C GLU A 2 -9.85 -12.31 -36.43
N ALA A 3 -9.70 -12.85 -35.22
CA ALA A 3 -10.84 -13.12 -34.37
C ALA A 3 -11.45 -11.83 -33.86
N GLU A 4 -12.62 -11.49 -34.37
CA GLU A 4 -13.30 -10.27 -33.97
C GLU A 4 -13.78 -10.39 -32.52
N ASP A 5 -13.63 -11.58 -31.94
CA ASP A 5 -14.06 -11.81 -30.57
C ASP A 5 -13.24 -10.95 -29.61
N ALA A 6 -11.97 -10.76 -29.94
CA ALA A 6 -11.09 -9.97 -29.10
C ALA A 6 -11.67 -8.59 -28.85
N SER A 7 -12.16 -8.40 -27.64
CA SER A 7 -12.75 -7.13 -27.24
C SER A 7 -11.67 -6.10 -26.99
N LEU A 8 -12.09 -4.88 -26.69
CA LEU A 8 -11.17 -3.78 -26.41
C LEU A 8 -10.23 -4.14 -25.26
N LEU A 9 -10.40 -5.33 -24.71
CA LEU A 9 -9.56 -5.79 -23.61
C LEU A 9 -8.22 -6.30 -24.14
N SER A 10 -8.09 -6.38 -25.46
CA SER A 10 -6.87 -6.86 -26.07
C SER A 10 -5.69 -5.98 -25.74
N PHE A 11 -5.71 -4.77 -26.24
CA PHE A 11 -4.60 -3.86 -26.00
C PHE A 11 -4.19 -3.90 -24.54
N MET A 12 -5.16 -3.78 -23.63
CA MET A 12 -4.86 -3.78 -22.21
C MET A 12 -4.22 -5.09 -21.79
N GLN A 13 -5.00 -6.17 -21.79
CA GLN A 13 -4.51 -7.50 -21.41
C GLN A 13 -3.04 -7.64 -21.79
N GLY A 14 -2.73 -7.40 -23.06
CA GLY A 14 -1.35 -7.50 -23.53
C GLY A 14 -0.47 -6.40 -22.94
N TYR A 15 -1.01 -5.19 -22.83
CA TYR A 15 -0.24 -4.08 -22.28
C TYR A 15 0.50 -4.49 -21.04
N MET A 16 -0.25 -4.83 -20.01
CA MET A 16 0.38 -5.22 -18.77
C MET A 16 1.34 -6.37 -19.02
N LYS A 17 1.04 -7.18 -20.04
CA LYS A 17 1.92 -8.28 -20.38
C LYS A 17 3.28 -7.77 -20.84
N HIS A 18 3.25 -6.74 -21.68
CA HIS A 18 4.47 -6.16 -22.22
C HIS A 18 5.11 -5.19 -21.23
N ALA A 19 4.33 -4.24 -20.72
CA ALA A 19 4.86 -3.25 -19.80
C ALA A 19 5.51 -3.91 -18.60
N THR A 20 5.15 -5.14 -18.35
CA THR A 20 5.74 -5.87 -17.24
C THR A 20 7.21 -6.17 -17.56
N LYS A 21 7.55 -6.08 -18.85
CA LYS A 21 8.94 -6.31 -19.26
C LYS A 21 9.85 -5.20 -18.74
N THR A 22 9.34 -3.98 -18.76
CA THR A 22 10.13 -2.82 -18.31
C THR A 22 10.59 -2.97 -16.87
N ALA A 23 10.00 -3.93 -16.16
CA ALA A 23 10.35 -4.18 -14.77
C ALA A 23 11.86 -4.26 -14.61
N LYS A 24 12.50 -5.10 -15.41
CA LYS A 24 13.94 -5.25 -15.34
C LYS A 24 14.63 -3.89 -15.43
N ASP A 25 14.65 -3.33 -16.63
CA ASP A 25 15.29 -2.04 -16.87
C ASP A 25 14.90 -1.08 -15.75
N ALA A 26 13.64 -1.14 -15.35
CA ALA A 26 13.16 -0.30 -14.27
C ALA A 26 13.80 -0.75 -12.95
N LEU A 27 13.90 -2.07 -12.75
CA LEU A 27 14.48 -2.59 -11.51
C LEU A 27 15.91 -2.10 -11.34
N SER A 28 16.66 -2.14 -12.42
CA SER A 28 18.05 -1.69 -12.37
C SER A 28 18.08 -0.21 -11.98
N SER A 29 16.99 0.48 -12.28
CA SER A 29 16.89 1.92 -11.96
C SER A 29 16.59 2.15 -10.48
N VAL A 30 16.49 1.08 -9.70
CA VAL A 30 16.20 1.20 -8.27
C VAL A 30 17.18 2.13 -7.54
N GLN A 31 18.12 2.71 -8.28
CA GLN A 31 19.10 3.63 -7.69
C GLN A 31 18.44 4.59 -6.71
N GLU A 32 17.13 4.67 -6.77
CA GLU A 32 16.40 5.53 -5.86
C GLU A 32 16.38 4.88 -4.48
N SER A 33 16.96 3.68 -4.39
CA SER A 33 17.00 2.95 -3.12
C SER A 33 17.70 3.80 -2.08
N GLN A 34 18.39 4.83 -2.54
CA GLN A 34 19.11 5.72 -1.61
C GLN A 34 18.22 6.09 -0.42
N VAL A 35 16.92 5.79 -0.52
CA VAL A 35 15.96 6.11 0.56
C VAL A 35 16.59 5.89 1.94
N ALA A 36 17.66 5.12 1.98
CA ALA A 36 18.37 4.89 3.24
C ALA A 36 18.67 6.22 3.92
N GLN A 37 19.56 7.01 3.30
CA GLN A 37 19.93 8.31 3.86
C GLN A 37 18.69 9.01 4.40
N GLN A 38 17.62 8.99 3.61
CA GLN A 38 16.37 9.62 4.02
C GLN A 38 15.88 8.92 5.28
N ALA A 39 15.58 7.63 5.15
CA ALA A 39 15.11 6.86 6.31
C ALA A 39 15.98 7.20 7.52
N ARG A 40 17.29 7.06 7.36
CA ARG A 40 18.24 7.39 8.43
C ARG A 40 18.07 8.83 8.88
N GLY A 41 17.20 9.52 8.19
CA GLY A 41 16.87 10.90 8.50
C GLY A 41 15.80 10.94 9.59
N TRP A 42 14.66 10.36 9.27
CA TRP A 42 13.52 10.37 10.19
C TRP A 42 13.97 10.09 11.63
N VAL A 43 15.14 9.50 11.75
CA VAL A 43 15.71 9.20 13.06
C VAL A 43 15.91 10.49 13.86
N THR A 44 16.52 11.48 13.20
CA THR A 44 16.80 12.76 13.85
C THR A 44 15.50 13.39 14.30
N ASP A 45 14.48 13.28 13.47
CA ASP A 45 13.17 13.83 13.80
C ASP A 45 12.49 12.98 14.85
N GLY A 46 13.26 12.12 15.53
CA GLY A 46 12.68 11.28 16.57
C GLY A 46 11.67 10.29 15.98
N PHE A 47 12.08 9.52 14.97
CA PHE A 47 11.20 8.54 14.37
C PHE A 47 10.47 7.71 15.43
N SER A 48 11.08 7.61 16.61
CA SER A 48 10.51 6.83 17.69
C SER A 48 9.03 7.13 17.84
N SER A 49 8.63 8.35 17.48
CA SER A 49 7.24 8.73 17.60
C SER A 49 6.34 7.69 16.95
N LEU A 50 6.93 6.78 16.18
CA LEU A 50 6.16 5.72 15.55
C LEU A 50 5.88 4.63 16.58
N LYS A 51 6.82 4.45 17.50
CA LYS A 51 6.68 3.43 18.54
C LYS A 51 5.43 3.70 19.37
N ASP A 52 5.24 4.96 19.74
CA ASP A 52 4.07 5.33 20.52
C ASP A 52 2.80 5.00 19.74
N TYR A 53 2.65 5.62 18.58
CA TYR A 53 1.46 5.39 17.76
C TYR A 53 1.34 3.91 17.41
N TRP A 54 2.45 3.30 17.06
CA TRP A 54 2.44 1.88 16.73
C TRP A 54 2.12 1.04 17.96
N SER A 55 2.89 1.25 19.03
CA SER A 55 2.68 0.51 20.26
C SER A 55 1.21 0.51 20.64
N THR A 56 0.53 1.62 20.36
CA THR A 56 -0.88 1.72 20.67
C THR A 56 -1.72 0.97 19.62
N VAL A 57 -1.85 1.58 18.43
CA VAL A 57 -2.64 0.98 17.35
C VAL A 57 -2.45 -0.53 17.31
N LYS A 58 -1.23 -0.96 16.98
CA LYS A 58 -0.92 -2.38 16.92
C LYS A 58 -1.58 -3.13 18.06
N ASP A 59 -1.18 -2.83 19.27
CA ASP A 59 -1.74 -3.51 20.43
C ASP A 59 -3.25 -3.28 20.48
N LYS A 60 -3.67 -2.05 20.25
CA LYS A 60 -5.09 -1.71 20.29
C LYS A 60 -5.83 -2.41 19.16
N PHE A 61 -5.09 -2.99 18.24
CA PHE A 61 -5.71 -3.69 17.13
C PHE A 61 -6.52 -4.87 17.67
N SER A 62 -6.15 -5.33 18.86
CA SER A 62 -6.87 -6.44 19.48
C SER A 62 -8.27 -6.02 19.92
N GLU A 63 -8.35 -4.90 20.64
CA GLU A 63 -9.62 -4.40 21.14
C GLU A 63 -10.42 -3.71 20.04
N PHE A 64 -9.72 -3.09 19.10
CA PHE A 64 -10.37 -2.38 18.03
C PHE A 64 -11.34 -3.29 17.30
N TRP A 65 -11.30 -4.58 17.61
CA TRP A 65 -12.20 -5.53 16.97
C TRP A 65 -13.58 -5.47 17.62
N ASP A 66 -13.62 -5.57 18.95
CA ASP A 66 -14.88 -5.50 19.70
C ASP A 66 -15.23 -4.05 20.02
N LEU A 67 -16.30 -3.58 19.42
CA LEU A 67 -16.77 -2.22 19.62
C LEU A 67 -17.75 -2.17 20.79
N ASP A 68 -18.35 -1.02 21.01
CA ASP A 68 -19.28 -0.86 22.12
C ASP A 68 -20.39 -1.89 22.01
N PRO A 69 -21.14 -2.10 23.07
CA PRO A 69 -22.22 -3.10 23.09
C PRO A 69 -23.08 -3.03 21.83
N GLU A 70 -22.92 -1.97 21.03
CA GLU A 70 -23.65 -1.83 19.78
C GLU A 70 -22.68 -1.59 18.63
N VAL A 71 -22.51 -2.61 17.78
CA VAL A 71 -21.64 -2.47 16.63
C VAL A 71 -22.47 -2.11 15.41
N ARG A 72 -22.64 -0.81 15.18
CA ARG A 72 -23.43 -0.34 14.03
C ARG A 72 -22.64 0.66 13.18
N PRO A 73 -22.90 0.77 11.90
CA PRO A 73 -22.20 1.76 11.05
C PRO A 73 -22.71 3.18 11.31
N THR A 74 -23.88 3.29 11.93
CA THR A 74 -24.48 4.60 12.22
C THR A 74 -23.91 5.21 13.49
N SER A 75 -24.21 4.57 14.61
CA SER A 75 -23.75 5.08 15.89
C SER A 75 -22.24 5.16 15.92
N ALA A 76 -21.58 4.19 15.32
CA ALA A 76 -20.12 4.21 15.28
C ALA A 76 -19.63 5.51 14.69
N VAL A 77 -19.97 5.75 13.42
CA VAL A 77 -19.54 6.96 12.73
C VAL A 77 -20.06 8.19 13.48
N ALA A 78 -21.35 8.20 13.78
CA ALA A 78 -21.96 9.31 14.50
C ALA A 78 -21.43 9.37 15.94
N ALA A 79 -20.70 8.33 16.32
CA ALA A 79 -20.14 8.25 17.66
C ALA A 79 -19.29 7.00 17.83
N SER A 1 -0.53 -10.59 -35.02
CA SER A 1 -1.59 -11.60 -35.27
C SER A 1 -2.37 -11.86 -33.98
N GLU A 2 -3.64 -11.53 -33.99
CA GLU A 2 -4.49 -11.74 -32.81
C GLU A 2 -5.96 -11.67 -33.19
N ALA A 3 -6.79 -12.43 -32.48
CA ALA A 3 -8.21 -12.46 -32.75
C ALA A 3 -8.81 -11.08 -32.61
N GLU A 4 -9.15 -10.49 -33.75
CA GLU A 4 -9.74 -9.16 -33.77
C GLU A 4 -11.14 -9.18 -33.17
N ASP A 5 -11.74 -10.37 -33.12
CA ASP A 5 -13.08 -10.52 -32.56
C ASP A 5 -13.10 -10.15 -31.08
N ALA A 6 -11.94 -10.20 -30.44
CA ALA A 6 -11.83 -9.89 -29.03
C ALA A 6 -12.37 -8.50 -28.78
N SER A 7 -12.91 -8.32 -27.59
CA SER A 7 -13.48 -7.05 -27.20
C SER A 7 -12.38 -6.03 -26.94
N LEU A 8 -12.80 -4.80 -26.65
CA LEU A 8 -11.87 -3.72 -26.38
C LEU A 8 -10.92 -4.08 -25.24
N LEU A 9 -11.09 -5.28 -24.67
CA LEU A 9 -10.25 -5.74 -23.58
C LEU A 9 -8.94 -6.30 -24.12
N SER A 10 -8.85 -6.42 -25.45
CA SER A 10 -7.66 -6.97 -26.08
C SER A 10 -6.45 -6.08 -25.86
N PHE A 11 -6.48 -4.90 -26.43
CA PHE A 11 -5.35 -3.99 -26.30
C PHE A 11 -4.88 -3.95 -24.85
N MET A 12 -5.82 -3.77 -23.93
CA MET A 12 -5.46 -3.68 -22.51
C MET A 12 -4.84 -4.99 -22.03
N GLN A 13 -5.66 -6.04 -21.96
CA GLN A 13 -5.20 -7.35 -21.50
C GLN A 13 -3.74 -7.58 -21.89
N GLY A 14 -3.44 -7.41 -23.17
CA GLY A 14 -2.08 -7.59 -23.65
C GLY A 14 -1.15 -6.50 -23.13
N TYR A 15 -1.65 -5.26 -23.09
CA TYR A 15 -0.84 -4.15 -22.61
C TYR A 15 -0.13 -4.51 -21.33
N MET A 16 -0.89 -4.75 -20.29
CA MET A 16 -0.29 -5.09 -19.02
C MET A 16 0.58 -6.32 -19.19
N LYS A 17 0.22 -7.17 -20.13
CA LYS A 17 1.01 -8.38 -20.38
C LYS A 17 2.40 -8.01 -20.85
N HIS A 18 2.47 -7.07 -21.80
CA HIS A 18 3.74 -6.63 -22.37
C HIS A 18 4.43 -5.62 -21.46
N ALA A 19 3.69 -4.63 -20.98
CA ALA A 19 4.27 -3.60 -20.13
C ALA A 19 4.98 -4.21 -18.94
N THR A 20 4.59 -5.41 -18.60
CA THR A 20 5.22 -6.10 -17.48
C THR A 20 6.69 -6.36 -17.81
N LYS A 21 7.02 -6.26 -19.09
CA LYS A 21 8.40 -6.48 -19.52
C LYS A 21 9.30 -5.36 -19.03
N THR A 22 8.78 -4.13 -19.03
CA THR A 22 9.57 -2.98 -18.61
C THR A 22 10.04 -3.12 -17.16
N ALA A 23 9.44 -4.07 -16.45
CA ALA A 23 9.80 -4.31 -15.06
C ALA A 23 11.31 -4.39 -14.91
N LYS A 24 11.93 -5.23 -15.72
CA LYS A 24 13.39 -5.39 -15.67
C LYS A 24 14.09 -4.03 -15.75
N ASP A 25 14.11 -3.48 -16.96
CA ASP A 25 14.77 -2.21 -17.21
C ASP A 25 14.39 -1.22 -16.11
N ALA A 26 13.12 -1.25 -15.74
CA ALA A 26 12.65 -0.38 -14.67
C ALA A 26 13.25 -0.83 -13.34
N LEU A 27 13.34 -2.14 -13.14
CA LEU A 27 13.90 -2.68 -11.89
C LEU A 27 15.33 -2.20 -11.68
N SER A 28 16.11 -2.29 -12.73
CA SER A 28 17.51 -1.88 -12.65
C SER A 28 17.57 -0.41 -12.27
N SER A 29 16.51 0.30 -12.62
CA SER A 29 16.44 1.73 -12.32
C SER A 29 16.16 1.97 -10.83
N VAL A 30 16.04 0.89 -10.06
CA VAL A 30 15.76 1.01 -8.62
C VAL A 30 16.78 1.91 -7.90
N GLN A 31 17.74 2.46 -8.65
CA GLN A 31 18.76 3.34 -8.07
C GLN A 31 18.15 4.31 -7.06
N GLU A 32 16.83 4.41 -7.07
CA GLU A 32 16.15 5.27 -6.12
C GLU A 32 16.21 4.62 -4.74
N SER A 33 16.76 3.41 -4.68
CA SER A 33 16.89 2.71 -3.41
C SER A 33 17.60 3.58 -2.40
N GLN A 34 18.29 4.60 -2.91
CA GLN A 34 19.02 5.51 -2.03
C GLN A 34 18.13 5.96 -0.87
N VAL A 35 16.82 5.73 -0.99
CA VAL A 35 15.87 6.13 0.06
C VAL A 35 16.45 5.87 1.46
N ALA A 36 17.48 5.03 1.53
CA ALA A 36 18.13 4.75 2.80
C ALA A 36 18.45 6.06 3.51
N GLN A 37 19.38 6.83 2.94
CA GLN A 37 19.77 8.10 3.53
C GLN A 37 18.54 8.82 4.06
N GLN A 38 17.46 8.80 3.27
CA GLN A 38 16.20 9.43 3.69
C GLN A 38 15.71 8.75 4.95
N ALA A 39 15.44 7.45 4.84
CA ALA A 39 14.96 6.68 5.99
C ALA A 39 15.78 7.08 7.22
N ARG A 40 17.10 6.97 7.09
CA ARG A 40 18.00 7.34 8.19
C ARG A 40 17.80 8.79 8.59
N GLY A 41 17.02 9.46 7.79
CA GLY A 41 16.69 10.85 8.04
C GLY A 41 15.62 10.93 9.12
N TRP A 42 14.47 10.34 8.81
CA TRP A 42 13.33 10.38 9.73
C TRP A 42 13.79 10.10 11.16
N VAL A 43 14.95 9.47 11.26
CA VAL A 43 15.53 9.17 12.56
C VAL A 43 15.87 10.45 13.32
N THR A 44 16.51 11.39 12.60
CA THR A 44 16.93 12.65 13.21
C THR A 44 15.75 13.33 13.89
N ASP A 45 14.58 13.21 13.28
CA ASP A 45 13.37 13.79 13.84
C ASP A 45 12.78 12.89 14.91
N GLY A 46 13.51 11.83 15.27
CA GLY A 46 13.01 10.91 16.28
C GLY A 46 11.91 10.02 15.69
N PHE A 47 12.22 9.31 14.61
CA PHE A 47 11.24 8.43 13.98
C PHE A 47 10.55 7.56 15.02
N SER A 48 11.16 7.42 16.19
CA SER A 48 10.60 6.59 17.24
C SER A 48 9.13 6.93 17.45
N SER A 49 8.74 8.15 17.14
CA SER A 49 7.36 8.58 17.32
C SER A 49 6.41 7.56 16.71
N LEU A 50 6.96 6.63 15.93
CA LEU A 50 6.14 5.58 15.34
C LEU A 50 5.86 4.49 16.38
N LYS A 51 6.81 4.29 17.28
CA LYS A 51 6.68 3.27 18.32
C LYS A 51 5.46 3.56 19.18
N ASP A 52 5.27 4.82 19.52
CA ASP A 52 4.12 5.22 20.32
C ASP A 52 2.84 4.77 19.64
N TYR A 53 2.54 5.35 18.48
CA TYR A 53 1.33 5.00 17.76
C TYR A 53 1.33 3.52 17.41
N TRP A 54 2.44 3.03 16.88
CA TRP A 54 2.53 1.63 16.52
C TRP A 54 2.26 0.76 17.74
N SER A 55 3.09 0.91 18.77
CA SER A 55 2.94 0.13 19.98
C SER A 55 1.49 0.18 20.45
N THR A 56 0.85 1.34 20.25
CA THR A 56 -0.54 1.51 20.64
C THR A 56 -1.45 0.85 19.61
N VAL A 57 -1.63 1.52 18.47
CA VAL A 57 -2.49 1.00 17.39
C VAL A 57 -2.38 -0.51 17.29
N LYS A 58 -1.18 -0.99 16.96
CA LYS A 58 -0.95 -2.43 16.83
C LYS A 58 -1.62 -3.19 17.97
N ASP A 59 -1.21 -2.89 19.19
CA ASP A 59 -1.77 -3.58 20.35
C ASP A 59 -3.27 -3.35 20.41
N LYS A 60 -3.69 -2.12 20.17
CA LYS A 60 -5.10 -1.79 20.21
C LYS A 60 -5.87 -2.46 19.10
N PHE A 61 -5.14 -3.09 18.18
CA PHE A 61 -5.80 -3.77 17.09
C PHE A 61 -6.59 -4.95 17.64
N SER A 62 -6.22 -5.40 18.84
CA SER A 62 -6.92 -6.51 19.48
C SER A 62 -8.30 -6.10 19.97
N GLU A 63 -8.33 -5.04 20.80
CA GLU A 63 -9.58 -4.54 21.35
C GLU A 63 -10.39 -3.80 20.31
N PHE A 64 -9.70 -3.13 19.39
CA PHE A 64 -10.37 -2.36 18.36
C PHE A 64 -11.34 -3.24 17.59
N TRP A 65 -11.33 -4.54 17.88
CA TRP A 65 -12.23 -5.46 17.21
C TRP A 65 -13.63 -5.36 17.80
N ASP A 66 -13.71 -5.47 19.13
CA ASP A 66 -14.99 -5.38 19.85
C ASP A 66 -15.31 -3.93 20.18
N LEU A 67 -16.39 -3.44 19.58
CA LEU A 67 -16.84 -2.06 19.79
C LEU A 67 -17.79 -2.01 20.98
N ASP A 68 -18.39 -0.85 21.19
CA ASP A 68 -19.29 -0.66 22.32
C ASP A 68 -20.39 -1.70 22.26
N PRO A 69 -21.13 -1.86 23.34
CA PRO A 69 -22.22 -2.86 23.40
C PRO A 69 -23.11 -2.84 22.15
N GLU A 70 -22.95 -1.80 21.34
CA GLU A 70 -23.73 -1.69 20.10
C GLU A 70 -22.79 -1.45 18.93
N VAL A 71 -22.65 -2.46 18.08
CA VAL A 71 -21.80 -2.32 16.90
C VAL A 71 -22.66 -1.95 15.71
N ARG A 72 -22.84 -0.64 15.51
CA ARG A 72 -23.64 -0.16 14.39
C ARG A 72 -22.86 0.87 13.55
N PRO A 73 -22.86 0.76 12.24
CA PRO A 73 -22.14 1.74 11.38
C PRO A 73 -22.65 3.16 11.61
N THR A 74 -23.87 3.28 12.15
CA THR A 74 -24.46 4.59 12.40
C THR A 74 -23.92 5.22 13.67
N SER A 75 -24.24 4.62 14.80
CA SER A 75 -23.81 5.15 16.07
C SER A 75 -22.28 5.23 16.10
N ALA A 76 -21.62 4.26 15.48
CA ALA A 76 -20.16 4.26 15.45
C ALA A 76 -19.65 5.57 14.83
N VAL A 77 -20.00 5.80 13.58
CA VAL A 77 -19.55 6.99 12.88
C VAL A 77 -20.05 8.24 13.61
N ALA A 78 -21.32 8.25 13.96
CA ALA A 78 -21.88 9.39 14.68
C ALA A 78 -21.19 9.56 16.02
N ALA A 79 -20.95 8.45 16.71
CA ALA A 79 -20.29 8.48 18.02
C ALA A 79 -20.10 7.07 18.56
N SER A 1 -3.99 -10.74 -39.58
CA SER A 1 -4.15 -11.91 -38.67
C SER A 1 -4.44 -11.42 -37.25
N GLU A 2 -5.73 -11.29 -36.93
CA GLU A 2 -6.12 -10.83 -35.60
C GLU A 2 -7.59 -11.14 -35.35
N ALA A 3 -7.87 -11.89 -34.29
CA ALA A 3 -9.22 -12.26 -33.94
C ALA A 3 -10.04 -11.03 -33.58
N GLU A 4 -10.94 -10.66 -34.48
CA GLU A 4 -11.79 -9.50 -34.27
C GLU A 4 -12.76 -9.75 -33.11
N ASP A 5 -12.93 -11.01 -32.75
CA ASP A 5 -13.84 -11.37 -31.66
C ASP A 5 -13.36 -10.75 -30.35
N ALA A 6 -12.04 -10.69 -30.17
CA ALA A 6 -11.49 -10.14 -28.95
C ALA A 6 -12.06 -8.75 -28.71
N SER A 7 -12.59 -8.56 -27.51
CA SER A 7 -13.18 -7.29 -27.13
C SER A 7 -12.09 -6.25 -26.89
N LEU A 8 -12.51 -5.04 -26.57
CA LEU A 8 -11.58 -3.95 -26.30
C LEU A 8 -10.64 -4.30 -25.15
N LEU A 9 -10.79 -5.50 -24.61
CA LEU A 9 -9.95 -5.96 -23.51
C LEU A 9 -8.62 -6.51 -24.04
N SER A 10 -8.53 -6.64 -25.36
CA SER A 10 -7.32 -7.18 -25.96
C SER A 10 -6.12 -6.29 -25.69
N PHE A 11 -6.13 -5.11 -26.26
CA PHE A 11 -4.99 -4.20 -26.10
C PHE A 11 -4.57 -4.16 -24.64
N MET A 12 -5.53 -3.96 -23.75
CA MET A 12 -5.22 -3.85 -22.33
C MET A 12 -4.60 -5.15 -21.82
N GLN A 13 -5.41 -6.20 -21.73
CA GLN A 13 -4.93 -7.51 -21.25
C GLN A 13 -3.46 -7.72 -21.65
N GLY A 14 -3.17 -7.56 -22.93
CA GLY A 14 -1.80 -7.74 -23.41
C GLY A 14 -0.90 -6.63 -22.89
N TYR A 15 -1.40 -5.40 -22.87
CA TYR A 15 -0.59 -4.28 -22.39
C TYR A 15 0.13 -4.64 -21.10
N MET A 16 -0.62 -4.91 -20.07
CA MET A 16 -0.02 -5.24 -18.80
C MET A 16 0.94 -6.40 -18.98
N LYS A 17 0.63 -7.28 -19.93
CA LYS A 17 1.48 -8.43 -20.20
C LYS A 17 2.85 -7.97 -20.70
N HIS A 18 2.83 -7.01 -21.62
CA HIS A 18 4.06 -6.48 -22.20
C HIS A 18 4.73 -5.50 -21.25
N ALA A 19 3.97 -4.53 -20.77
CA ALA A 19 4.53 -3.51 -19.88
C ALA A 19 5.19 -4.15 -18.67
N THR A 20 4.78 -5.36 -18.37
CA THR A 20 5.37 -6.08 -17.25
C THR A 20 6.83 -6.41 -17.55
N LYS A 21 7.18 -6.36 -18.83
CA LYS A 21 8.55 -6.62 -19.24
C LYS A 21 9.49 -5.51 -18.79
N THR A 22 8.99 -4.28 -18.82
CA THR A 22 9.78 -3.12 -18.42
C THR A 22 10.25 -3.23 -16.98
N ALA A 23 9.66 -4.17 -16.24
CA ALA A 23 10.03 -4.37 -14.85
C ALA A 23 11.55 -4.45 -14.71
N LYS A 24 12.17 -5.30 -15.51
CA LYS A 24 13.62 -5.45 -15.46
C LYS A 24 14.30 -4.08 -15.54
N ASP A 25 14.32 -3.53 -16.75
CA ASP A 25 14.97 -2.25 -17.00
C ASP A 25 14.58 -1.29 -15.89
N ALA A 26 13.32 -1.35 -15.48
CA ALA A 26 12.84 -0.50 -14.40
C ALA A 26 13.48 -0.93 -13.08
N LEU A 27 13.59 -2.23 -12.87
CA LEU A 27 14.18 -2.75 -11.64
C LEU A 27 15.62 -2.26 -11.49
N SER A 28 16.36 -2.31 -12.57
CA SER A 28 17.75 -1.87 -12.54
C SER A 28 17.81 -0.41 -12.14
N SER A 29 16.71 0.29 -12.42
CA SER A 29 16.62 1.73 -12.11
C SER A 29 16.35 1.98 -10.61
N VAL A 30 16.23 0.91 -9.84
CA VAL A 30 15.96 1.05 -8.40
C VAL A 30 16.97 1.96 -7.70
N GLN A 31 17.91 2.53 -8.46
CA GLN A 31 18.92 3.42 -7.90
C GLN A 31 18.28 4.38 -6.91
N GLU A 32 16.96 4.50 -6.96
CA GLU A 32 16.26 5.37 -6.03
C GLU A 32 16.26 4.73 -4.65
N SER A 33 16.82 3.52 -4.57
CA SER A 33 16.90 2.81 -3.30
C SER A 33 17.64 3.66 -2.29
N GLN A 34 18.35 4.67 -2.78
CA GLN A 34 19.09 5.55 -1.89
C GLN A 34 18.22 6.01 -0.73
N VAL A 35 16.91 5.76 -0.82
CA VAL A 35 15.97 6.17 0.23
C VAL A 35 16.58 5.96 1.63
N ALA A 36 17.64 5.16 1.69
CA ALA A 36 18.33 4.93 2.96
C ALA A 36 18.62 6.27 3.62
N GLN A 37 19.50 7.05 3.01
CA GLN A 37 19.86 8.36 3.55
C GLN A 37 18.61 9.04 4.11
N GLN A 38 17.50 8.93 3.39
CA GLN A 38 16.26 9.53 3.83
C GLN A 38 15.78 8.84 5.11
N ALA A 39 15.44 7.56 4.99
CA ALA A 39 14.95 6.79 6.15
C ALA A 39 15.80 7.10 7.37
N ARG A 40 17.11 6.88 7.24
CA ARG A 40 18.04 7.15 8.35
C ARG A 40 17.98 8.62 8.75
N GLY A 41 17.22 9.36 7.97
CA GLY A 41 17.05 10.78 8.22
C GLY A 41 16.04 10.97 9.34
N TRP A 42 14.82 10.48 9.09
CA TRP A 42 13.73 10.64 10.06
C TRP A 42 14.21 10.32 11.47
N VAL A 43 15.37 9.69 11.56
CA VAL A 43 15.95 9.35 12.85
C VAL A 43 16.15 10.62 13.69
N THR A 44 16.78 11.61 13.06
CA THR A 44 17.07 12.87 13.74
C THR A 44 15.77 13.48 14.21
N ASP A 45 14.75 13.38 13.37
CA ASP A 45 13.44 13.91 13.71
C ASP A 45 12.76 13.02 14.75
N GLY A 46 13.53 12.13 15.38
CA GLY A 46 12.95 11.25 16.40
C GLY A 46 11.81 10.41 15.83
N PHE A 47 12.09 9.70 14.73
CA PHE A 47 11.09 8.84 14.12
C PHE A 47 10.42 7.93 15.15
N SER A 48 11.09 7.75 16.29
CA SER A 48 10.57 6.88 17.34
C SER A 48 9.09 7.14 17.57
N SER A 49 8.66 8.35 17.25
CA SER A 49 7.26 8.72 17.44
C SER A 49 6.35 7.67 16.82
N LEU A 50 6.92 6.74 16.05
CA LEU A 50 6.12 5.68 15.45
C LEU A 50 5.85 4.61 16.49
N LYS A 51 6.78 4.45 17.43
CA LYS A 51 6.64 3.45 18.48
C LYS A 51 5.37 3.72 19.28
N ASP A 52 5.17 4.97 19.65
CA ASP A 52 3.98 5.35 20.41
C ASP A 52 2.73 4.96 19.63
N TYR A 53 2.56 5.57 18.47
CA TYR A 53 1.38 5.30 17.65
C TYR A 53 1.34 3.82 17.28
N TRP A 54 2.48 3.26 16.91
CA TRP A 54 2.52 1.85 16.55
C TRP A 54 2.20 0.98 17.76
N SER A 55 2.98 1.15 18.83
CA SER A 55 2.79 0.37 20.05
C SER A 55 1.31 0.38 20.45
N THR A 56 0.65 1.50 20.18
CA THR A 56 -0.77 1.61 20.51
C THR A 56 -1.63 0.87 19.49
N VAL A 57 -1.80 1.48 18.30
CA VAL A 57 -2.62 0.87 17.25
C VAL A 57 -2.44 -0.65 17.23
N LYS A 58 -1.23 -1.09 16.92
CA LYS A 58 -0.95 -2.52 16.88
C LYS A 58 -1.60 -3.23 18.06
N ASP A 59 -1.20 -2.86 19.27
CA ASP A 59 -1.76 -3.48 20.46
C ASP A 59 -3.26 -3.27 20.52
N LYS A 60 -3.68 -2.03 20.27
CA LYS A 60 -5.09 -1.69 20.32
C LYS A 60 -5.85 -2.38 19.20
N PHE A 61 -5.13 -2.99 18.29
CA PHE A 61 -5.78 -3.68 17.19
C PHE A 61 -6.56 -4.87 17.73
N SER A 62 -6.19 -5.31 18.93
CA SER A 62 -6.88 -6.44 19.56
C SER A 62 -8.28 -6.03 20.03
N GLU A 63 -8.32 -4.94 20.80
CA GLU A 63 -9.58 -4.44 21.36
C GLU A 63 -10.40 -3.73 20.29
N PHE A 64 -9.72 -3.07 19.36
CA PHE A 64 -10.40 -2.32 18.31
C PHE A 64 -11.35 -3.23 17.55
N TRP A 65 -11.31 -4.53 17.87
CA TRP A 65 -12.20 -5.47 17.20
C TRP A 65 -13.60 -5.42 17.82
N ASP A 66 -13.66 -5.53 19.15
CA ASP A 66 -14.93 -5.47 19.89
C ASP A 66 -15.29 -4.03 20.21
N LEU A 67 -16.37 -3.56 19.59
CA LEU A 67 -16.85 -2.20 19.80
C LEU A 67 -17.84 -2.17 20.96
N ASP A 68 -18.44 -1.01 21.17
CA ASP A 68 -19.37 -0.83 22.27
C ASP A 68 -20.48 -1.87 22.17
N PRO A 69 -21.24 -2.05 23.23
CA PRO A 69 -22.34 -3.05 23.26
C PRO A 69 -23.17 -3.01 21.98
N GLU A 70 -23.00 -1.97 21.18
CA GLU A 70 -23.73 -1.86 19.92
C GLU A 70 -22.74 -1.61 18.78
N VAL A 71 -22.56 -2.63 17.94
CA VAL A 71 -21.67 -2.51 16.79
C VAL A 71 -22.48 -2.16 15.57
N ARG A 72 -22.65 -0.86 15.33
CA ARG A 72 -23.40 -0.40 14.16
C ARG A 72 -22.59 0.62 13.34
N PRO A 73 -22.84 0.74 12.05
CA PRO A 73 -22.15 1.74 11.20
C PRO A 73 -22.66 3.16 11.46
N THR A 74 -23.85 3.26 12.08
CA THR A 74 -24.46 4.56 12.35
C THR A 74 -23.92 5.18 13.62
N SER A 75 -24.24 4.56 14.74
CA SER A 75 -23.81 5.07 16.02
C SER A 75 -22.30 5.19 16.06
N ALA A 76 -21.61 4.23 15.45
CA ALA A 76 -20.16 4.25 15.43
C ALA A 76 -19.65 5.55 14.80
N VAL A 77 -19.98 5.76 13.52
CA VAL A 77 -19.51 6.95 12.83
C VAL A 77 -20.03 8.20 13.53
N ALA A 78 -21.31 8.20 13.86
CA ALA A 78 -21.91 9.35 14.54
C ALA A 78 -21.24 9.55 15.90
N ALA A 79 -21.00 8.45 16.62
CA ALA A 79 -20.37 8.52 17.94
C ALA A 79 -20.20 7.13 18.52
N SER A 1 -1.36 -10.92 -36.73
CA SER A 1 -2.83 -10.65 -36.84
C SER A 1 -3.51 -10.99 -35.52
N GLU A 2 -3.94 -9.97 -34.80
CA GLU A 2 -4.62 -10.17 -33.51
C GLU A 2 -6.10 -10.47 -33.73
N ALA A 3 -6.64 -11.38 -32.92
CA ALA A 3 -8.04 -11.75 -33.04
C ALA A 3 -8.93 -10.53 -32.87
N GLU A 4 -9.51 -10.11 -33.98
CA GLU A 4 -10.40 -8.94 -33.97
C GLU A 4 -11.68 -9.25 -33.19
N ASP A 5 -12.00 -10.54 -33.06
CA ASP A 5 -13.19 -10.95 -32.33
C ASP A 5 -13.12 -10.53 -30.88
N ALA A 6 -11.91 -10.54 -30.31
CA ALA A 6 -11.72 -10.18 -28.92
C ALA A 6 -12.27 -8.79 -28.68
N SER A 7 -12.82 -8.61 -27.50
CA SER A 7 -13.41 -7.33 -27.12
C SER A 7 -12.32 -6.30 -26.88
N LEU A 8 -12.74 -5.09 -26.57
CA LEU A 8 -11.81 -3.99 -26.30
C LEU A 8 -10.87 -4.35 -25.15
N LEU A 9 -11.02 -5.55 -24.60
CA LEU A 9 -10.17 -6.00 -23.51
C LEU A 9 -8.84 -6.55 -24.04
N SER A 10 -8.76 -6.67 -25.36
CA SER A 10 -7.55 -7.20 -25.99
C SER A 10 -6.36 -6.30 -25.75
N PHE A 11 -6.39 -5.11 -26.33
CA PHE A 11 -5.28 -4.19 -26.19
C PHE A 11 -4.76 -4.19 -24.75
N MET A 12 -5.68 -4.06 -23.81
CA MET A 12 -5.29 -4.03 -22.40
C MET A 12 -4.70 -5.36 -21.98
N GLN A 13 -5.50 -6.42 -22.08
CA GLN A 13 -5.04 -7.77 -21.71
C GLN A 13 -3.56 -7.95 -22.03
N GLY A 14 -3.19 -7.73 -23.28
CA GLY A 14 -1.81 -7.87 -23.70
C GLY A 14 -0.93 -6.77 -23.10
N TYR A 15 -1.45 -5.56 -23.06
CA TYR A 15 -0.68 -4.44 -22.51
C TYR A 15 0.03 -4.83 -21.23
N MET A 16 -0.74 -5.16 -20.22
CA MET A 16 -0.15 -5.54 -18.95
C MET A 16 0.83 -6.68 -19.17
N LYS A 17 0.55 -7.51 -20.16
CA LYS A 17 1.43 -8.63 -20.46
C LYS A 17 2.80 -8.13 -20.94
N HIS A 18 2.77 -7.14 -21.83
CA HIS A 18 4.00 -6.57 -22.38
C HIS A 18 4.63 -5.58 -21.42
N ALA A 19 3.84 -4.62 -20.94
CA ALA A 19 4.37 -3.60 -20.03
C ALA A 19 5.01 -4.23 -18.81
N THR A 20 4.61 -5.44 -18.51
CA THR A 20 5.17 -6.14 -17.37
C THR A 20 6.64 -6.49 -17.65
N LYS A 21 7.00 -6.45 -18.93
CA LYS A 21 8.36 -6.73 -19.33
C LYS A 21 9.30 -5.60 -18.90
N THR A 22 8.81 -4.37 -18.96
CA THR A 22 9.61 -3.21 -18.58
C THR A 22 10.09 -3.30 -17.14
N ALA A 23 9.50 -4.21 -16.39
CA ALA A 23 9.87 -4.40 -14.99
C ALA A 23 11.38 -4.49 -14.85
N LYS A 24 12.01 -5.35 -15.64
CA LYS A 24 13.45 -5.51 -15.58
C LYS A 24 14.15 -4.14 -15.68
N ASP A 25 14.17 -3.61 -16.89
CA ASP A 25 14.83 -2.33 -17.14
C ASP A 25 14.44 -1.35 -16.05
N ALA A 26 13.17 -1.38 -15.65
CA ALA A 26 12.69 -0.51 -14.60
C ALA A 26 13.30 -0.93 -13.26
N LEU A 27 13.37 -2.24 -13.02
CA LEU A 27 13.93 -2.74 -11.75
C LEU A 27 15.37 -2.28 -11.56
N SER A 28 16.15 -2.39 -12.63
CA SER A 28 17.54 -1.97 -12.57
C SER A 28 17.61 -0.50 -12.21
N SER A 29 16.54 0.21 -12.56
CA SER A 29 16.48 1.64 -12.27
C SER A 29 16.20 1.90 -10.78
N VAL A 30 16.09 0.84 -10.00
CA VAL A 30 15.82 0.97 -8.56
C VAL A 30 16.85 1.87 -7.87
N GLN A 31 17.79 2.42 -8.63
CA GLN A 31 18.82 3.30 -8.07
C GLN A 31 18.22 4.26 -7.05
N GLU A 32 16.91 4.38 -7.07
CA GLU A 32 16.24 5.24 -6.11
C GLU A 32 16.35 4.61 -4.72
N SER A 33 16.88 3.39 -4.66
CA SER A 33 17.05 2.70 -3.39
C SER A 33 17.79 3.60 -2.42
N GLN A 34 18.49 4.59 -2.97
CA GLN A 34 19.25 5.51 -2.12
C GLN A 34 18.36 6.06 -1.01
N VAL A 35 17.04 5.91 -1.15
CA VAL A 35 16.09 6.41 -0.15
C VAL A 35 16.59 6.09 1.27
N ALA A 36 17.57 5.21 1.38
CA ALA A 36 18.14 4.87 2.68
C ALA A 36 18.43 6.16 3.45
N GLN A 37 19.42 6.92 2.95
CA GLN A 37 19.79 8.18 3.61
C GLN A 37 18.53 8.89 4.11
N GLN A 38 17.47 8.86 3.30
CA GLN A 38 16.20 9.47 3.70
C GLN A 38 15.72 8.79 4.96
N ALA A 39 15.42 7.49 4.84
CA ALA A 39 14.96 6.72 5.99
C ALA A 39 15.84 7.08 7.18
N ARG A 40 17.16 6.92 7.01
CA ARG A 40 18.12 7.25 8.06
C ARG A 40 17.96 8.70 8.51
N GLY A 41 17.08 9.39 7.82
CA GLY A 41 16.75 10.77 8.13
C GLY A 41 15.71 10.81 9.25
N TRP A 42 14.56 10.20 8.96
CA TRP A 42 13.42 10.21 9.90
C TRP A 42 13.91 9.98 11.33
N VAL A 43 15.11 9.42 11.45
CA VAL A 43 15.70 9.16 12.74
C VAL A 43 15.89 10.48 13.50
N THR A 44 16.45 11.46 12.82
CA THR A 44 16.71 12.77 13.41
C THR A 44 15.40 13.38 13.87
N ASP A 45 14.37 13.25 13.04
CA ASP A 45 13.08 13.78 13.37
C ASP A 45 12.42 12.94 14.46
N GLY A 46 13.20 12.08 15.10
CA GLY A 46 12.65 11.25 16.17
C GLY A 46 11.65 10.24 15.61
N PHE A 47 12.07 9.45 14.65
CA PHE A 47 11.19 8.42 14.06
C PHE A 47 10.47 7.63 15.15
N SER A 48 11.09 7.56 16.33
CA SER A 48 10.52 6.80 17.43
C SER A 48 9.04 7.11 17.58
N SER A 49 8.64 8.31 17.22
CA SER A 49 7.26 8.70 17.34
C SER A 49 6.34 7.66 16.70
N LEU A 50 6.93 6.73 15.95
CA LEU A 50 6.13 5.66 15.35
C LEU A 50 5.87 4.58 16.39
N LYS A 51 6.82 4.42 17.31
CA LYS A 51 6.69 3.42 18.36
C LYS A 51 5.44 3.70 19.19
N ASP A 52 5.21 4.98 19.50
CA ASP A 52 4.04 5.37 20.29
C ASP A 52 2.78 4.92 19.59
N TYR A 53 2.51 5.48 18.42
CA TYR A 53 1.30 5.13 17.68
C TYR A 53 1.31 3.64 17.34
N TRP A 54 2.43 3.14 16.83
CA TRP A 54 2.53 1.74 16.48
C TRP A 54 2.21 0.88 17.71
N SER A 55 3.00 1.07 18.76
CA SER A 55 2.80 0.30 19.99
C SER A 55 1.33 0.35 20.40
N THR A 56 0.70 1.50 20.17
CA THR A 56 -0.71 1.64 20.51
C THR A 56 -1.59 0.91 19.49
N VAL A 57 -1.75 1.51 18.31
CA VAL A 57 -2.57 0.92 17.26
C VAL A 57 -2.40 -0.59 17.22
N LYS A 58 -1.19 -1.04 16.91
CA LYS A 58 -0.90 -2.47 16.85
C LYS A 58 -1.57 -3.20 18.01
N ASP A 59 -1.16 -2.86 19.23
CA ASP A 59 -1.73 -3.50 20.41
C ASP A 59 -3.23 -3.26 20.46
N LYS A 60 -3.65 -2.02 20.23
CA LYS A 60 -5.07 -1.68 20.28
C LYS A 60 -5.83 -2.37 19.17
N PHE A 61 -5.10 -2.96 18.24
CA PHE A 61 -5.75 -3.67 17.15
C PHE A 61 -6.53 -4.85 17.70
N SER A 62 -6.14 -5.30 18.89
CA SER A 62 -6.83 -6.42 19.53
C SER A 62 -8.22 -6.03 20.02
N GLU A 63 -8.27 -4.98 20.83
CA GLU A 63 -9.53 -4.50 21.39
C GLU A 63 -10.35 -3.76 20.34
N PHE A 64 -9.67 -3.09 19.43
CA PHE A 64 -10.35 -2.32 18.40
C PHE A 64 -11.31 -3.21 17.62
N TRP A 65 -11.31 -4.50 17.93
CA TRP A 65 -12.20 -5.42 17.26
C TRP A 65 -13.62 -5.33 17.85
N ASP A 66 -13.71 -5.43 19.17
CA ASP A 66 -14.99 -5.33 19.88
C ASP A 66 -15.32 -3.88 20.20
N LEU A 67 -16.41 -3.41 19.61
CA LEU A 67 -16.87 -2.04 19.81
C LEU A 67 -17.79 -1.97 21.02
N ASP A 68 -18.39 -0.82 21.23
CA ASP A 68 -19.27 -0.62 22.38
C ASP A 68 -20.36 -1.67 22.37
N PRO A 69 -21.07 -1.83 23.45
CA PRO A 69 -22.14 -2.84 23.57
C PRO A 69 -23.07 -2.84 22.34
N GLU A 70 -22.95 -1.80 21.52
CA GLU A 70 -23.75 -1.71 20.30
C GLU A 70 -22.84 -1.47 19.11
N VAL A 71 -22.71 -2.49 18.26
CA VAL A 71 -21.89 -2.34 17.06
C VAL A 71 -22.79 -2.01 15.89
N ARG A 72 -22.99 -0.71 15.67
CA ARG A 72 -23.82 -0.25 14.55
C ARG A 72 -23.07 0.78 13.71
N PRO A 73 -23.12 0.69 12.39
CA PRO A 73 -22.44 1.68 11.50
C PRO A 73 -22.93 3.10 11.78
N THR A 74 -24.11 3.21 12.39
CA THR A 74 -24.69 4.53 12.67
C THR A 74 -24.06 5.16 13.91
N SER A 75 -24.28 4.53 15.05
CA SER A 75 -23.76 5.05 16.29
C SER A 75 -22.24 5.19 16.22
N ALA A 76 -21.58 4.23 15.58
CA ALA A 76 -20.13 4.26 15.47
C ALA A 76 -19.63 5.55 14.83
N VAL A 77 -19.96 5.76 13.55
CA VAL A 77 -19.50 6.95 12.86
C VAL A 77 -20.03 8.20 13.55
N ALA A 78 -21.32 8.22 13.85
CA ALA A 78 -21.92 9.35 14.54
C ALA A 78 -21.43 9.42 15.99
N ALA A 79 -20.73 8.37 16.41
CA ALA A 79 -20.21 8.31 17.77
C ALA A 79 -19.41 7.03 17.98
#